data_9BKK
#
_entry.id   9BKK
#
loop_
_entity.id
_entity.type
_entity.pdbx_description
1 polymer 'Guanine nucleotide-binding protein G(s) subunit alpha isoforms XLas'
2 polymer 'Guanine nucleotide-binding protein G(I)/G(S)/G(T) subunit beta-1'
3 polymer 'Guanine nucleotide-binding protein G(I)/G(S)/G(O) subunit gamma-2'
4 polymer Cholecystokinin-8
5 polymer 'Cholecystokinin receptor type A'
#
loop_
_entity_poly.entity_id
_entity_poly.type
_entity_poly.pdbx_seq_one_letter_code
_entity_poly.pdbx_strand_id
1 'polypeptide(L)'
;HHHHHHHHGCTLSAEDKAAVERSKMIDRNLREDGEKARRTLRLLLLGADNSGKSTIVKQMRILHGGSGGSGGTSGIFETK
FQVDKVNFHMFDVGGQRDERRKWIQCFNDVTAIIFVVDSSDYNRLQEALNDFKSIWNNRWLRTISVILFLNKQDLLAEKV
LAGKSKIEDYFPEFARYTTPEDATPEPGEDPRVTRAKYFIRKEFVDISTASGDGRHICYPHFTCAVDTENARRIFNDCKD
IILQMNLREYNLV
;
A
2 'polypeptide(L)'
;QSELDQLRQEAEQLKNQIRDARKACADATLSQITNNIDPVGRIQMRTRRTLRGHLAKIYAMHWGTDSRLLVSASQDGKLI
IWDSYTTNKVHAIPLRSSWVMTCAYAPSGNYVACGGLDNICSIYNLKTREGNVRVSRELAGHTGYLSCCRFLDDNQIVTS
SGDTTCALWDIETGQQTTTFTGHTGDVMSLSLAPDTRLFVSGACDASAKLWDVREGMCRQTFTGHESDINAICFFPNGNA
FATGSDDATCRLFDLRADQELMTYSHDNIICGITSVSFSKSGRLLLAGYDDFNCNVWDALKADRAGVLAGHDNRVSCLGV
TDDGMAVATGSWDSFLKIWN
;
B
3 'polypeptide(L)' MASNNTASIAQARKLVEQLKMEANIDRIKVSKAAADLMAYCEAHAKEDPLLTPVPASENPFREKKFFCAIL G
4 'polypeptide(L)' D(TYS)MGWMDF(NH2) P
5 'polypeptide(L)'
;DVVDSLLVNGSNITPPCELGLENETLFCLDQPRPSKEWQPAVQILLYSLIFLLSVLGNTLVITVLIRNKRMRTVTNIFLL
SLAVSDLMLCLFCMPFNLIPNLLKDFIFGSAVCKTTTYFMGTSVSVSTLNLVAIALERYSAICKPLQSRVWQTKSHALKV
IAATWCLSFTIMTPYPIYSNLVPFTKNNNQTANMCRFLLPNDVMQQSWHTFLLLLLFFIPGVVMAVAYGLISLELYQGIK
FEASQKKSAKERKPSTTSSGKYEDSDGCYLQKTRPPRKLELRQLSTGSSSRANRIRSNSSAANLMAKKRVIRMLIVIVVL
FFLCWMPIFSANAWRAYDTASAERRLSGTPISFILLLSYTSSCVNPIIYCFMNKRFRLGFMATFPCCPNPGPPGARGEVG
EEEEGGTTGASLSRFSYSHMSASVPPQ
;
R
#
loop_
_chem_comp.id
_chem_comp.type
_chem_comp.name
_chem_comp.formula
NH2 non-polymer 'AMINO GROUP' 'H2 N'
#
# COMPACT_ATOMS: atom_id res chain seq x y z
N ALA A 18 -5.29 -29.48 -14.97
CA ALA A 18 -5.90 -30.06 -13.72
C ALA A 18 -5.30 -29.38 -12.48
N ALA A 19 -4.00 -29.11 -12.50
CA ALA A 19 -3.35 -28.35 -11.42
C ALA A 19 -3.82 -26.89 -11.52
N VAL A 20 -3.91 -26.35 -12.75
CA VAL A 20 -4.36 -24.93 -12.99
C VAL A 20 -5.86 -24.77 -12.67
N GLU A 21 -6.68 -25.80 -12.83
CA GLU A 21 -8.11 -25.73 -12.42
C GLU A 21 -8.20 -25.62 -10.90
N ARG A 22 -7.24 -26.21 -10.19
CA ARG A 22 -7.15 -26.15 -8.71
C ARG A 22 -6.70 -24.74 -8.30
N SER A 23 -5.69 -24.20 -8.97
CA SER A 23 -5.19 -22.84 -8.67
C SER A 23 -6.31 -21.80 -8.85
N LYS A 24 -7.15 -21.93 -9.88
CA LYS A 24 -8.25 -20.96 -10.18
C LYS A 24 -9.39 -21.12 -9.20
N MET A 25 -9.66 -22.33 -8.75
CA MET A 25 -10.72 -22.61 -7.75
C MET A 25 -10.25 -22.11 -6.38
N ILE A 26 -8.93 -22.03 -6.16
CA ILE A 26 -8.34 -21.47 -4.92
C ILE A 26 -8.43 -19.96 -5.04
N ASP A 27 -7.95 -19.38 -6.12
CA ASP A 27 -7.97 -17.91 -6.38
C ASP A 27 -9.41 -17.36 -6.33
N ARG A 28 -10.42 -18.21 -6.52
CA ARG A 28 -11.84 -17.77 -6.45
C ARG A 28 -12.30 -17.70 -5.00
N ASN A 29 -11.76 -18.57 -4.17
CA ASN A 29 -12.20 -18.61 -2.76
C ASN A 29 -11.37 -17.60 -1.97
N LEU A 30 -10.20 -17.21 -2.49
CA LEU A 30 -9.38 -16.18 -1.81
C LEU A 30 -9.94 -14.81 -2.15
N ARG A 31 -10.67 -14.67 -3.27
CA ARG A 31 -11.33 -13.40 -3.63
C ARG A 31 -12.66 -13.30 -2.90
N GLU A 32 -13.33 -14.41 -2.67
CA GLU A 32 -14.59 -14.42 -1.90
C GLU A 32 -14.31 -14.10 -0.43
N ASP A 33 -13.06 -14.19 0.02
CA ASP A 33 -12.70 -13.94 1.43
C ASP A 33 -12.18 -12.52 1.57
N GLY A 34 -11.57 -11.97 0.50
CA GLY A 34 -11.12 -10.58 0.50
C GLY A 34 -12.29 -9.62 0.47
N GLU A 35 -13.50 -10.11 0.21
CA GLU A 35 -14.72 -9.29 0.24
C GLU A 35 -15.29 -9.32 1.66
N LYS A 36 -15.55 -10.51 2.21
CA LYS A 36 -15.99 -10.61 3.62
C LYS A 36 -15.08 -9.82 4.56
N ALA A 37 -13.79 -9.71 4.25
CA ALA A 37 -12.86 -8.86 5.00
C ALA A 37 -13.20 -7.36 4.83
N ARG A 38 -13.40 -6.89 3.59
CA ARG A 38 -13.62 -5.47 3.27
C ARG A 38 -14.86 -4.87 3.96
N ARG A 39 -15.87 -5.69 4.23
CA ARG A 39 -17.11 -5.31 4.94
C ARG A 39 -16.95 -4.89 6.41
N THR A 40 -15.72 -4.96 6.95
CA THR A 40 -15.52 -4.66 8.40
C THR A 40 -14.49 -3.55 8.62
N LEU A 41 -14.68 -2.75 9.68
CA LEU A 41 -13.70 -1.67 10.01
C LEU A 41 -12.86 -2.11 11.22
N ARG A 42 -11.54 -2.01 11.11
CA ARG A 42 -10.64 -2.50 12.17
C ARG A 42 -10.04 -1.37 13.03
N LEU A 43 -10.18 -1.44 14.35
CA LEU A 43 -9.70 -0.38 15.28
C LEU A 43 -8.67 -0.91 16.30
N LEU A 44 -7.58 -0.16 16.58
CA LEU A 44 -6.59 -0.53 17.60
C LEU A 44 -6.80 0.26 18.88
N LEU A 45 -6.81 -0.38 20.05
CA LEU A 45 -6.85 0.31 21.35
C LEU A 45 -5.47 0.49 21.96
N LEU A 46 -5.18 1.72 22.42
CA LEU A 46 -4.00 2.10 23.19
C LEU A 46 -4.40 2.74 24.52
N GLY A 47 -3.51 2.63 25.51
CA GLY A 47 -3.66 3.25 26.84
C GLY A 47 -3.02 2.42 27.95
N ALA A 48 -2.64 3.09 29.03
CA ALA A 48 -2.12 2.40 30.23
C ALA A 48 -3.27 1.84 31.04
N ASP A 49 -2.97 1.13 32.13
CA ASP A 49 -4.05 0.69 33.05
C ASP A 49 -4.48 1.95 33.78
N ASN A 50 -5.63 1.95 34.46
CA ASN A 50 -6.19 3.19 35.05
C ASN A 50 -7.00 3.89 33.97
N SER A 51 -6.91 3.42 32.72
CA SER A 51 -7.62 4.07 31.59
C SER A 51 -9.06 3.53 31.43
N GLY A 52 -9.37 2.30 31.81
CA GLY A 52 -10.70 1.78 31.51
C GLY A 52 -10.94 1.41 30.04
N LYS A 53 -9.90 1.04 29.28
CA LYS A 53 -10.01 0.55 27.88
C LYS A 53 -11.12 -0.49 27.71
N SER A 54 -11.13 -1.49 28.59
CA SER A 54 -12.10 -2.57 28.68
C SER A 54 -13.54 -2.13 28.97
N THR A 55 -13.77 -0.87 29.34
CA THR A 55 -15.08 -0.26 29.59
C THR A 55 -15.49 0.74 28.50
N ILE A 56 -14.54 1.28 27.72
CA ILE A 56 -14.87 1.96 26.44
C ILE A 56 -15.52 0.95 25.49
N VAL A 57 -15.04 -0.29 25.50
CA VAL A 57 -15.70 -1.47 24.89
C VAL A 57 -17.12 -1.67 25.46
N LYS A 58 -18.12 -1.82 24.59
CA LYS A 58 -19.53 -2.00 24.98
C LYS A 58 -20.20 -3.27 24.40
N GLN A 59 -19.43 -4.14 23.76
CA GLN A 59 -19.88 -5.40 23.17
C GLN A 59 -18.76 -6.44 23.11
N ILE A 76 -2.58 -10.93 21.31
CA ILE A 76 -3.59 -10.00 20.80
C ILE A 76 -5.00 -10.41 21.20
N PHE A 77 -5.64 -9.66 22.10
CA PHE A 77 -7.07 -9.76 22.36
C PHE A 77 -7.87 -9.01 21.27
N GLU A 78 -9.13 -9.38 21.04
CA GLU A 78 -9.99 -8.73 20.06
C GLU A 78 -11.47 -8.81 20.40
N THR A 79 -12.28 -7.87 19.92
CA THR A 79 -13.74 -7.86 20.10
C THR A 79 -14.46 -7.14 18.96
N LYS A 80 -15.73 -7.50 18.71
CA LYS A 80 -16.53 -7.04 17.55
C LYS A 80 -17.83 -6.39 17.99
N PHE A 81 -18.29 -5.38 17.25
CA PHE A 81 -19.56 -4.69 17.47
C PHE A 81 -20.11 -4.10 16.16
N GLN A 82 -21.39 -3.74 16.12
CA GLN A 82 -22.07 -3.27 14.91
C GLN A 82 -22.90 -2.01 15.19
N VAL A 83 -22.81 -1.00 14.32
CA VAL A 83 -23.55 0.26 14.42
C VAL A 83 -24.14 0.61 13.05
N ASP A 84 -25.44 0.90 12.96
CA ASP A 84 -26.15 1.23 11.72
C ASP A 84 -25.80 0.30 10.53
N LYS A 85 -25.74 -1.01 10.80
CA LYS A 85 -25.38 -2.07 9.85
C LYS A 85 -23.93 -2.02 9.32
N VAL A 86 -23.04 -1.25 9.96
CA VAL A 86 -21.59 -1.23 9.72
C VAL A 86 -20.88 -2.01 10.83
N ASN A 87 -19.95 -2.88 10.46
CA ASN A 87 -19.35 -3.86 11.35
C ASN A 87 -17.92 -3.43 11.76
N PHE A 88 -17.62 -3.48 13.06
CA PHE A 88 -16.35 -3.01 13.64
C PHE A 88 -15.64 -4.11 14.42
N HIS A 89 -14.30 -4.08 14.32
CA HIS A 89 -13.45 -5.08 14.99
C HIS A 89 -12.26 -4.42 15.73
N MET A 90 -12.31 -4.34 17.06
CA MET A 90 -11.26 -3.80 17.92
C MET A 90 -10.20 -4.85 18.27
N PHE A 91 -8.96 -4.39 18.45
CA PHE A 91 -7.85 -5.28 18.84
C PHE A 91 -6.87 -4.63 19.82
N ASP A 92 -6.57 -5.24 20.98
CA ASP A 92 -5.50 -4.73 21.84
C ASP A 92 -4.45 -5.80 22.18
N VAL A 93 -3.18 -5.46 22.00
CA VAL A 93 -2.05 -6.33 22.32
C VAL A 93 -1.81 -6.35 23.84
N GLY A 94 -1.83 -7.54 24.45
CA GLY A 94 -1.64 -7.72 25.90
C GLY A 94 -0.22 -7.42 26.38
N ARG A 101 7.51 -0.52 20.39
CA ARG A 101 7.69 0.15 19.10
C ARG A 101 7.64 -0.78 17.87
N LYS A 102 7.73 -2.10 18.05
CA LYS A 102 7.79 -3.06 16.94
C LYS A 102 6.44 -3.59 16.51
N TRP A 103 5.64 -4.16 17.42
CA TRP A 103 4.34 -4.75 17.06
C TRP A 103 3.31 -3.73 16.55
N ILE A 104 3.47 -2.44 16.86
CA ILE A 104 2.60 -1.37 16.36
C ILE A 104 2.59 -1.28 14.82
N GLN A 105 3.66 -1.70 14.14
CA GLN A 105 3.76 -1.69 12.69
C GLN A 105 2.66 -2.51 12.00
N CYS A 106 2.20 -3.59 12.64
CA CYS A 106 1.15 -4.45 12.07
C CYS A 106 -0.14 -3.67 11.83
N PHE A 107 -0.43 -2.69 12.68
CA PHE A 107 -1.67 -1.92 12.65
C PHE A 107 -1.59 -0.67 11.76
N ASN A 108 -0.58 -0.49 10.92
CA ASN A 108 -0.42 0.72 10.10
C ASN A 108 -1.51 0.96 9.04
N ASP A 109 -2.60 0.19 9.03
CA ASP A 109 -3.60 0.32 7.94
C ASP A 109 -4.98 0.22 8.56
N VAL A 110 -5.04 0.18 9.89
CA VAL A 110 -6.34 0.22 10.57
C VAL A 110 -6.99 1.57 10.24
N THR A 111 -8.29 1.70 10.46
CA THR A 111 -9.01 2.96 10.18
C THR A 111 -8.70 4.00 11.27
N ALA A 112 -8.70 3.58 12.53
CA ALA A 112 -8.51 4.55 13.63
C ALA A 112 -7.89 3.95 14.88
N ILE A 113 -6.96 4.68 15.53
CA ILE A 113 -6.52 4.27 16.86
C ILE A 113 -7.47 4.88 17.87
N ILE A 114 -7.92 4.10 18.84
CA ILE A 114 -8.69 4.56 19.98
C ILE A 114 -7.73 4.67 21.16
N PHE A 115 -7.41 5.89 21.58
CA PHE A 115 -6.42 6.15 22.63
C PHE A 115 -7.14 6.61 23.88
N VAL A 116 -6.94 5.93 25.00
CA VAL A 116 -7.73 6.15 26.23
C VAL A 116 -6.85 6.69 27.36
N VAL A 117 -7.31 7.76 27.99
CA VAL A 117 -6.52 8.39 29.07
C VAL A 117 -7.38 8.44 30.32
N ASP A 118 -6.78 8.30 31.50
CA ASP A 118 -7.55 8.52 32.75
C ASP A 118 -7.42 10.00 33.08
N SER A 119 -8.54 10.68 33.25
CA SER A 119 -8.54 12.13 33.52
C SER A 119 -8.50 12.47 35.01
N SER A 120 -8.69 11.51 35.91
CA SER A 120 -9.07 11.76 37.30
C SER A 120 -7.94 12.23 38.22
N ASP A 121 -6.70 11.83 37.90
CA ASP A 121 -5.49 12.18 38.69
C ASP A 121 -4.42 12.72 37.74
N TYR A 122 -3.55 13.62 38.22
CA TYR A 122 -2.59 14.29 37.30
C TYR A 122 -1.17 13.77 37.51
N ASN A 123 -1.00 12.80 38.41
CA ASN A 123 0.35 12.21 38.64
C ASN A 123 0.81 11.54 37.35
N ARG A 124 -0.13 11.00 36.56
CA ARG A 124 0.25 10.23 35.33
C ARG A 124 -0.27 10.95 34.08
N LEU A 125 -0.82 12.16 34.23
CA LEU A 125 -1.37 12.91 33.07
C LEU A 125 -0.24 13.19 32.08
N GLN A 126 0.94 13.55 32.59
CA GLN A 126 2.08 13.87 31.69
C GLN A 126 2.54 12.57 31.04
N GLU A 127 2.50 11.47 31.80
CA GLU A 127 2.87 10.15 31.24
C GLU A 127 1.98 9.90 30.03
N ALA A 128 0.68 10.12 30.17
CA ALA A 128 -0.26 9.96 29.04
C ALA A 128 0.06 10.95 27.93
N LEU A 129 0.51 12.17 28.29
CA LEU A 129 0.84 13.14 27.25
C LEU A 129 2.09 12.74 26.47
N ASN A 130 3.13 12.23 27.14
CA ASN A 130 4.33 11.69 26.48
C ASN A 130 3.99 10.46 25.62
N ASP A 131 3.12 9.57 26.14
CA ASP A 131 2.64 8.41 25.41
C ASP A 131 1.84 8.82 24.16
N PHE A 132 0.88 9.74 24.31
CA PHE A 132 0.13 10.30 23.20
C PHE A 132 1.03 10.96 22.14
N LYS A 133 2.02 11.76 22.56
CA LYS A 133 3.08 12.29 21.68
C LYS A 133 3.79 11.17 20.92
N SER A 134 4.14 10.08 21.60
CA SER A 134 4.82 8.94 20.98
C SER A 134 3.97 8.23 19.93
N ILE A 135 2.66 8.04 20.19
CA ILE A 135 1.71 7.54 19.18
C ILE A 135 1.60 8.54 18.03
N TRP A 136 1.35 9.83 18.32
CA TRP A 136 1.02 10.84 17.32
C TRP A 136 2.12 11.07 16.29
N ASN A 137 3.37 11.09 16.74
CA ASN A 137 4.54 11.30 15.87
C ASN A 137 5.20 10.00 15.36
N ASN A 138 4.60 8.83 15.56
CA ASN A 138 5.18 7.56 15.11
C ASN A 138 5.29 7.50 13.57
N ARG A 139 6.46 7.12 13.06
CA ARG A 139 6.78 7.00 11.62
C ARG A 139 5.78 6.18 10.83
N TRP A 140 5.21 5.13 11.43
CA TRP A 140 4.27 4.22 10.78
C TRP A 140 2.80 4.64 10.88
N LEU A 141 2.48 5.62 11.74
CA LEU A 141 1.09 6.04 12.02
C LEU A 141 0.74 7.41 11.44
N ARG A 142 1.58 7.95 10.54
CA ARG A 142 1.51 9.32 9.97
C ARG A 142 0.20 9.69 9.24
N THR A 143 -0.68 8.72 9.01
CA THR A 143 -1.97 8.89 8.32
C THR A 143 -3.15 8.26 9.07
N ILE A 144 -2.95 7.73 10.29
CA ILE A 144 -4.04 7.16 11.09
C ILE A 144 -4.54 8.20 12.08
N SER A 145 -5.81 8.56 11.97
CA SER A 145 -6.44 9.47 12.92
C SER A 145 -6.67 8.81 14.28
N VAL A 146 -6.60 9.59 15.34
CA VAL A 146 -6.74 9.11 16.71
C VAL A 146 -8.06 9.60 17.29
N ILE A 147 -8.89 8.69 17.75
CA ILE A 147 -10.04 9.00 18.57
C ILE A 147 -9.55 9.00 20.01
N LEU A 148 -9.60 10.15 20.70
CA LEU A 148 -9.01 10.32 22.02
C LEU A 148 -10.11 10.35 23.08
N PHE A 149 -10.11 9.40 24.00
CA PHE A 149 -11.07 9.34 25.10
C PHE A 149 -10.43 9.78 26.42
N LEU A 150 -10.85 10.93 26.90
CA LEU A 150 -10.53 11.47 28.21
C LEU A 150 -11.54 10.88 29.20
N ASN A 151 -11.20 9.72 29.74
CA ASN A 151 -12.10 8.84 30.48
C ASN A 151 -12.21 9.20 31.96
N LYS A 152 -13.24 8.67 32.62
CA LYS A 152 -13.64 8.90 34.02
C LYS A 152 -13.65 10.39 34.39
N GLN A 153 -14.21 11.19 33.49
CA GLN A 153 -14.37 12.64 33.63
C GLN A 153 -15.24 13.04 34.82
N ASP A 154 -16.12 12.17 35.31
CA ASP A 154 -16.87 12.36 36.55
C ASP A 154 -15.96 12.35 37.78
N LEU A 155 -14.92 11.51 37.80
CA LEU A 155 -13.93 11.53 38.88
C LEU A 155 -13.05 12.79 38.81
N LEU A 156 -12.75 13.30 37.61
CA LEU A 156 -12.12 14.62 37.46
C LEU A 156 -13.02 15.73 38.03
N ALA A 157 -14.32 15.71 37.71
CA ALA A 157 -15.27 16.66 38.26
C ALA A 157 -15.34 16.60 39.80
N GLU A 158 -15.38 15.41 40.39
CA GLU A 158 -15.32 15.23 41.85
C GLU A 158 -13.99 15.76 42.43
N LYS A 159 -12.85 15.45 41.81
CA LYS A 159 -11.54 15.89 42.29
C LYS A 159 -11.40 17.42 42.28
N VAL A 160 -11.85 18.08 41.22
CA VAL A 160 -11.83 19.54 41.09
C VAL A 160 -12.88 20.21 41.99
N LEU A 161 -14.05 19.62 42.15
CA LEU A 161 -15.10 20.14 43.05
C LEU A 161 -14.76 20.01 44.54
N ALA A 162 -13.97 19.01 44.93
CA ALA A 162 -13.56 18.79 46.33
C ALA A 162 -12.71 19.95 46.89
N SER A 165 -8.94 20.11 43.63
CA SER A 165 -7.80 19.32 43.15
C SER A 165 -6.48 20.10 43.08
N LYS A 166 -5.36 19.40 43.22
CA LYS A 166 -4.01 19.98 43.21
C LYS A 166 -3.44 20.30 41.81
N ILE A 167 -4.26 20.34 40.76
CA ILE A 167 -3.86 20.36 39.34
C ILE A 167 -2.77 21.39 38.98
N GLU A 168 -2.83 22.61 39.52
CA GLU A 168 -1.84 23.64 39.25
C GLU A 168 -0.44 23.32 39.80
N ASP A 169 -0.32 22.44 40.79
CA ASP A 169 0.96 21.95 41.30
C ASP A 169 1.70 21.04 40.30
N TYR A 170 0.96 20.36 39.43
CA TYR A 170 1.50 19.52 38.35
C TYR A 170 1.69 20.29 37.06
N PHE A 171 0.83 21.29 36.80
CA PHE A 171 0.85 22.12 35.60
C PHE A 171 0.73 23.60 36.00
N PRO A 172 1.86 24.33 36.21
CA PRO A 172 1.82 25.70 36.74
C PRO A 172 1.14 26.69 35.78
N GLU A 173 1.21 26.44 34.47
CA GLU A 173 0.53 27.24 33.44
C GLU A 173 -1.00 27.10 33.45
N PHE A 174 -1.55 26.38 34.44
CA PHE A 174 -3.04 26.33 34.60
C PHE A 174 -3.47 27.55 35.41
N ALA A 175 -2.52 28.22 36.07
CA ALA A 175 -2.81 29.44 36.82
C ALA A 175 -3.42 30.52 35.90
N ARG A 176 -4.63 30.97 36.26
CA ARG A 176 -5.45 31.88 35.45
C ARG A 176 -5.82 31.39 34.04
N TYR A 177 -5.97 30.05 33.90
CA TYR A 177 -6.51 29.56 32.61
C TYR A 177 -7.87 30.23 32.47
N THR A 178 -8.41 30.35 31.26
CA THR A 178 -9.66 31.11 31.05
C THR A 178 -10.51 30.61 29.87
N THR A 179 -10.63 29.30 29.76
CA THR A 179 -11.55 28.74 28.72
C THR A 179 -11.47 29.64 27.47
N GLU A 189 -22.35 22.72 33.51
CA GLU A 189 -21.34 22.30 34.47
C GLU A 189 -20.73 23.47 35.26
N ASP A 190 -20.09 23.16 36.38
CA ASP A 190 -19.37 24.14 37.21
C ASP A 190 -18.23 24.84 36.41
N PRO A 191 -18.01 26.16 36.57
CA PRO A 191 -17.00 26.85 35.76
C PRO A 191 -15.59 26.29 36.02
N ARG A 192 -15.31 25.88 37.26
CA ARG A 192 -13.95 25.39 37.61
C ARG A 192 -13.70 24.05 36.91
N VAL A 193 -14.70 23.16 36.93
CA VAL A 193 -14.57 21.84 36.24
C VAL A 193 -14.36 22.07 34.75
N THR A 194 -15.05 23.06 34.17
CA THR A 194 -14.91 23.37 32.73
C THR A 194 -13.50 23.89 32.45
N ARG A 195 -12.94 24.66 33.38
CA ARG A 195 -11.56 25.16 33.22
C ARG A 195 -10.60 23.98 33.16
N ALA A 196 -10.76 23.01 34.08
CA ALA A 196 -9.88 21.82 34.10
C ALA A 196 -10.10 21.01 32.83
N LYS A 197 -11.35 20.65 32.54
CA LYS A 197 -11.64 19.80 31.35
C LYS A 197 -11.01 20.45 30.12
N TYR A 198 -11.27 21.73 29.87
CA TYR A 198 -10.75 22.40 28.65
C TYR A 198 -9.23 22.51 28.68
N PHE A 199 -8.65 22.75 29.86
CA PHE A 199 -7.17 22.77 29.98
C PHE A 199 -6.64 21.38 29.66
N ILE A 200 -7.21 20.33 30.29
CA ILE A 200 -6.80 18.94 30.06
C ILE A 200 -6.87 18.63 28.56
N ARG A 201 -8.01 18.90 27.92
CA ARG A 201 -8.22 18.72 26.49
C ARG A 201 -7.23 19.53 25.67
N LYS A 202 -7.03 20.82 26.00
CA LYS A 202 -6.14 21.75 25.29
C LYS A 202 -4.74 21.17 25.16
N GLU A 203 -4.21 20.57 26.21
CA GLU A 203 -2.86 20.03 26.21
C GLU A 203 -2.67 18.89 25.18
N PHE A 204 -3.59 17.93 25.12
CA PHE A 204 -3.52 16.88 24.09
C PHE A 204 -3.75 17.43 22.68
N VAL A 205 -4.77 18.27 22.47
CA VAL A 205 -5.04 18.76 21.12
C VAL A 205 -3.95 19.69 20.62
N ASP A 206 -3.25 20.43 21.49
CA ASP A 206 -2.11 21.21 21.04
C ASP A 206 -0.92 20.32 20.62
N ILE A 207 -0.68 19.18 21.29
CA ILE A 207 0.25 18.17 20.75
C ILE A 207 -0.24 17.68 19.39
N SER A 208 -1.53 17.37 19.26
CA SER A 208 -2.11 16.84 18.02
C SER A 208 -2.06 17.82 16.84
N THR A 209 -1.86 19.12 17.09
CA THR A 209 -1.85 20.17 16.06
C THR A 209 -0.47 20.80 15.87
N ALA A 210 0.46 20.61 16.81
CA ALA A 210 1.86 21.04 16.66
C ALA A 210 2.58 20.40 15.46
N SER A 211 2.14 19.21 15.03
CA SER A 211 2.51 18.57 13.77
C SER A 211 1.36 17.68 13.27
N GLY A 212 1.26 17.44 11.96
CA GLY A 212 0.23 16.59 11.36
C GLY A 212 -0.09 16.92 9.90
N ASP A 213 0.15 18.15 9.45
CA ASP A 213 -0.02 18.60 8.06
C ASP A 213 -1.39 18.31 7.42
N GLY A 214 -2.43 18.11 8.22
CA GLY A 214 -3.76 17.67 7.76
C GLY A 214 -3.84 16.24 7.22
N ARG A 215 -2.80 15.40 7.39
CA ARG A 215 -2.81 13.98 6.97
C ARG A 215 -3.75 13.13 7.82
N HIS A 216 -3.82 13.44 9.10
CA HIS A 216 -4.64 12.78 10.13
C HIS A 216 -5.05 13.80 11.18
N ILE A 217 -6.13 13.56 11.89
CA ILE A 217 -6.64 14.49 12.91
C ILE A 217 -6.99 13.74 14.20
N CYS A 218 -7.12 14.48 15.29
CA CYS A 218 -7.47 13.95 16.60
C CYS A 218 -8.93 14.30 16.94
N TYR A 219 -9.70 13.32 17.39
CA TYR A 219 -11.11 13.48 17.75
C TYR A 219 -11.30 13.32 19.27
N PRO A 220 -11.11 14.38 20.08
CA PRO A 220 -11.23 14.30 21.53
C PRO A 220 -12.68 14.16 22.01
N HIS A 221 -12.88 13.33 23.03
CA HIS A 221 -14.15 13.16 23.72
C HIS A 221 -13.95 12.99 25.23
N PHE A 222 -14.90 13.43 26.04
CA PHE A 222 -14.97 13.13 27.47
C PHE A 222 -15.95 11.99 27.72
N THR A 223 -15.55 11.01 28.52
CA THR A 223 -16.35 9.82 28.81
C THR A 223 -16.40 9.52 30.30
N CYS A 224 -17.57 9.18 30.81
CA CYS A 224 -17.75 8.51 32.10
C CYS A 224 -17.80 6.99 31.87
N ALA A 225 -17.41 6.17 32.86
CA ALA A 225 -17.52 4.72 32.77
C ALA A 225 -18.97 4.23 32.52
N VAL A 226 -19.98 5.00 32.91
CA VAL A 226 -21.39 4.72 32.67
C VAL A 226 -21.89 5.05 31.25
N ASP A 227 -21.12 5.76 30.43
CA ASP A 227 -21.57 6.23 29.11
C ASP A 227 -21.68 5.09 28.09
N THR A 228 -22.83 4.98 27.42
CA THR A 228 -23.06 4.01 26.34
C THR A 228 -22.69 4.53 24.93
N GLU A 229 -22.57 5.85 24.75
CA GLU A 229 -22.48 6.51 23.45
C GLU A 229 -21.15 6.30 22.69
N ASN A 230 -20.13 5.66 23.28
CA ASN A 230 -18.81 5.53 22.66
C ASN A 230 -18.87 4.84 21.29
N ALA A 231 -19.76 3.86 21.09
CA ALA A 231 -19.97 3.20 19.81
C ALA A 231 -20.46 4.16 18.72
N ARG A 232 -21.43 5.04 19.03
CA ARG A 232 -21.90 6.11 18.13
C ARG A 232 -20.78 7.08 17.79
N ARG A 233 -19.98 7.50 18.77
CA ARG A 233 -18.85 8.42 18.58
C ARG A 233 -17.78 7.84 17.65
N ILE A 234 -17.41 6.58 17.86
CA ILE A 234 -16.49 5.87 16.98
C ILE A 234 -17.07 5.77 15.57
N PHE A 235 -18.35 5.41 15.44
CA PHE A 235 -19.05 5.31 14.16
C PHE A 235 -19.04 6.65 13.40
N ASN A 236 -19.43 7.75 14.04
CA ASN A 236 -19.39 9.08 13.43
C ASN A 236 -17.98 9.49 13.04
N ASP A 237 -16.97 9.24 13.87
CA ASP A 237 -15.60 9.62 13.54
C ASP A 237 -15.00 8.75 12.44
N CYS A 238 -15.38 7.48 12.36
CA CYS A 238 -15.02 6.64 11.21
C CYS A 238 -15.69 7.16 9.94
N LYS A 239 -16.97 7.56 9.99
CA LYS A 239 -17.66 8.21 8.88
C LYS A 239 -16.91 9.45 8.42
N ASP A 240 -16.47 10.29 9.35
CA ASP A 240 -15.66 11.46 9.03
C ASP A 240 -14.26 11.12 8.49
N ILE A 241 -13.53 10.16 9.05
CA ILE A 241 -12.21 9.75 8.55
C ILE A 241 -12.31 9.20 7.13
N ILE A 242 -13.30 8.35 6.86
CA ILE A 242 -13.53 7.80 5.53
C ILE A 242 -13.95 8.90 4.55
N LEU A 243 -14.83 9.83 4.95
CA LEU A 243 -15.17 11.01 4.15
C LEU A 243 -13.93 11.85 3.81
N GLN A 244 -13.04 12.09 4.75
CA GLN A 244 -11.87 12.97 4.47
C GLN A 244 -10.96 12.36 3.39
N MET A 245 -10.73 11.06 3.39
CA MET A 245 -9.89 10.38 2.36
C MET A 245 -10.65 10.19 1.05
N ASN A 246 -11.98 10.02 1.10
CA ASN A 246 -12.81 9.89 -0.12
C ASN A 246 -12.76 11.21 -0.89
N LEU A 247 -12.63 12.35 -0.21
CA LEU A 247 -12.50 13.67 -0.88
C LEU A 247 -11.21 13.76 -1.69
N ARG A 248 -10.10 13.22 -1.18
CA ARG A 248 -8.80 13.29 -1.90
C ARG A 248 -8.69 12.23 -2.99
N GLU A 249 -9.29 11.06 -2.77
CA GLU A 249 -9.20 9.93 -3.75
C GLU A 249 -10.18 10.16 -4.90
N TYR A 250 -11.30 10.83 -4.64
CA TYR A 250 -12.30 11.16 -5.69
C TYR A 250 -11.94 12.53 -6.28
N ASN A 251 -10.64 12.85 -6.37
CA ASN A 251 -10.12 14.07 -7.04
C ASN A 251 -10.91 15.34 -6.74
N LEU A 252 -11.56 15.42 -5.60
CA LEU A 252 -12.20 16.68 -5.22
C LEU A 252 -11.22 17.65 -4.56
N VAL A 253 -10.23 17.09 -3.85
CA VAL A 253 -9.12 17.91 -3.28
C VAL A 253 -7.88 17.01 -3.13
N SER B 2 27.91 -3.92 49.33
CA SER B 2 29.17 -3.75 48.60
C SER B 2 29.37 -4.80 47.49
N GLU B 3 28.75 -5.98 47.64
CA GLU B 3 28.84 -7.07 46.66
C GLU B 3 28.32 -6.67 45.27
N LEU B 4 27.21 -5.92 45.22
CA LEU B 4 26.64 -5.41 43.97
C LEU B 4 27.65 -4.51 43.22
N ASP B 5 28.27 -3.57 43.94
CA ASP B 5 29.30 -2.70 43.37
C ASP B 5 30.52 -3.50 42.92
N GLN B 6 31.04 -4.41 43.76
CA GLN B 6 32.21 -5.24 43.42
C GLN B 6 31.97 -6.05 42.14
N LEU B 7 30.83 -6.73 42.06
CA LEU B 7 30.51 -7.41 40.79
C LEU B 7 30.54 -6.35 39.68
N ARG B 8 29.74 -5.30 39.82
CA ARG B 8 29.66 -4.28 38.77
C ARG B 8 31.05 -3.83 38.27
N GLN B 9 32.02 -3.61 39.17
CA GLN B 9 33.40 -3.30 38.78
C GLN B 9 34.09 -4.49 38.10
N GLU B 10 33.88 -5.71 38.59
CA GLU B 10 34.42 -6.92 37.97
C GLU B 10 33.85 -7.15 36.56
N ALA B 11 32.53 -6.94 36.37
CA ALA B 11 31.91 -6.97 35.05
C ALA B 11 32.51 -5.88 34.13
N GLU B 12 32.71 -4.66 34.62
CA GLU B 12 33.36 -3.59 33.85
C GLU B 12 34.80 -3.94 33.45
N GLN B 13 35.58 -4.52 34.37
CA GLN B 13 36.94 -4.98 34.08
C GLN B 13 36.96 -6.13 33.07
N LEU B 14 36.08 -7.12 33.21
CA LEU B 14 35.94 -8.20 32.24
C LEU B 14 35.52 -7.67 30.86
N LYS B 15 34.47 -6.84 30.85
CA LYS B 15 34.03 -6.21 29.56
C LYS B 15 35.22 -5.48 28.93
N ASN B 16 36.04 -4.81 29.74
CA ASN B 16 37.25 -4.11 29.22
C ASN B 16 38.24 -5.15 28.67
N GLN B 17 38.39 -6.28 29.35
CA GLN B 17 39.28 -7.36 28.84
C GLN B 17 38.78 -7.82 27.47
N ILE B 18 37.48 -8.12 27.35
CA ILE B 18 36.89 -8.56 26.05
C ILE B 18 37.31 -7.58 24.96
N ARG B 19 37.24 -6.27 25.22
CA ARG B 19 37.55 -5.25 24.19
C ARG B 19 39.03 -5.33 23.83
N ASP B 20 39.90 -5.55 24.81
CA ASP B 20 41.37 -5.61 24.56
C ASP B 20 41.70 -6.86 23.73
N ALA B 21 41.12 -8.01 24.08
CA ALA B 21 41.36 -9.26 23.33
C ALA B 21 40.93 -9.08 21.87
N ARG B 22 39.78 -8.45 21.65
CA ARG B 22 39.31 -8.18 20.27
C ARG B 22 40.29 -7.22 19.59
N LYS B 23 40.64 -6.11 20.27
CA LYS B 23 41.52 -5.09 19.66
C LYS B 23 42.86 -5.75 19.33
N ALA B 24 43.45 -6.49 20.27
CA ALA B 24 44.67 -7.22 19.95
C ALA B 24 44.50 -8.12 18.71
N CYS B 25 43.30 -8.68 18.50
CA CYS B 25 43.06 -9.57 17.33
C CYS B 25 42.85 -8.75 16.04
N ALA B 26 42.44 -7.49 16.15
CA ALA B 26 42.17 -6.63 14.99
C ALA B 26 43.41 -6.24 14.14
N ASP B 27 44.10 -7.19 13.52
CA ASP B 27 45.33 -6.92 12.76
C ASP B 27 45.14 -6.26 11.37
N ALA B 28 44.02 -6.49 10.67
CA ALA B 28 43.67 -5.85 9.40
C ALA B 28 42.15 -5.79 9.16
N THR B 29 41.63 -4.81 8.43
CA THR B 29 40.19 -4.77 8.08
C THR B 29 39.89 -5.72 6.90
N LEU B 30 38.63 -6.17 6.75
CA LEU B 30 38.24 -6.93 5.56
C LEU B 30 38.56 -6.15 4.28
N SER B 31 38.25 -4.86 4.25
CA SER B 31 38.53 -4.00 3.09
C SER B 31 40.01 -3.78 2.80
N GLN B 32 40.93 -3.99 3.76
CA GLN B 32 42.36 -4.04 3.46
C GLN B 32 42.75 -5.36 2.78
N ILE B 33 42.13 -6.48 3.18
CA ILE B 33 42.37 -7.81 2.59
C ILE B 33 41.75 -7.91 1.18
N THR B 34 40.50 -7.46 1.00
CA THR B 34 39.76 -7.51 -0.26
C THR B 34 40.01 -6.30 -1.18
N ASN B 35 41.05 -5.50 -0.92
CA ASN B 35 41.38 -4.34 -1.75
C ASN B 35 41.71 -4.70 -3.22
N ASN B 36 42.41 -5.81 -3.44
CA ASN B 36 42.94 -6.20 -4.76
C ASN B 36 41.96 -6.94 -5.68
N ILE B 37 40.89 -7.50 -5.09
CA ILE B 37 39.94 -8.38 -5.84
C ILE B 37 39.19 -7.64 -6.97
N ASP B 38 38.13 -8.26 -7.49
CA ASP B 38 37.34 -7.66 -8.61
C ASP B 38 35.90 -7.44 -8.17
N PRO B 39 35.24 -6.36 -8.60
CA PRO B 39 33.88 -6.06 -8.15
C PRO B 39 32.81 -6.93 -8.83
N VAL B 40 31.72 -7.22 -8.13
CA VAL B 40 30.64 -8.06 -8.71
C VAL B 40 30.03 -7.36 -9.93
N GLY B 41 30.69 -6.34 -10.50
CA GLY B 41 30.10 -5.58 -11.61
C GLY B 41 28.67 -5.13 -11.31
N ARG B 42 27.98 -4.51 -12.27
CA ARG B 42 26.57 -4.15 -12.10
C ARG B 42 25.71 -5.41 -12.15
N ILE B 43 25.05 -5.74 -11.03
CA ILE B 43 24.10 -6.84 -10.94
C ILE B 43 22.76 -6.36 -11.51
N GLN B 44 22.67 -6.33 -12.83
CA GLN B 44 21.41 -6.17 -13.56
C GLN B 44 20.57 -7.43 -13.35
N MET B 45 19.33 -7.25 -12.89
CA MET B 45 18.42 -8.34 -12.53
C MET B 45 16.98 -7.91 -12.80
N ARG B 46 16.09 -8.89 -13.03
CA ARG B 46 14.69 -8.57 -13.45
C ARG B 46 13.66 -9.56 -12.93
N THR B 47 12.40 -9.12 -12.86
CA THR B 47 11.31 -9.99 -12.34
C THR B 47 10.93 -11.07 -13.36
N ARG B 48 10.95 -12.33 -12.94
CA ARG B 48 10.67 -13.48 -13.80
C ARG B 48 9.26 -13.95 -13.49
N ARG B 49 8.76 -13.58 -12.31
CA ARG B 49 7.40 -13.99 -11.92
C ARG B 49 6.81 -13.05 -10.89
N THR B 50 5.49 -12.89 -10.91
CA THR B 50 4.80 -12.14 -9.87
C THR B 50 3.65 -13.00 -9.34
N LEU B 51 3.51 -13.11 -8.02
CA LEU B 51 2.52 -13.98 -7.38
C LEU B 51 1.43 -13.11 -6.76
N ARG B 52 0.19 -13.21 -7.24
CA ARG B 52 -0.83 -12.13 -7.13
C ARG B 52 -1.99 -12.41 -6.17
N GLY B 53 -1.90 -13.42 -5.32
CA GLY B 53 -3.04 -13.93 -4.57
C GLY B 53 -3.34 -13.29 -3.22
N HIS B 54 -2.34 -12.73 -2.54
CA HIS B 54 -2.54 -12.12 -1.22
C HIS B 54 -3.30 -10.80 -1.34
N LEU B 55 -4.12 -10.51 -0.32
CA LEU B 55 -4.99 -9.30 -0.32
C LEU B 55 -4.64 -8.31 0.80
N ALA B 56 -3.53 -8.48 1.52
CA ALA B 56 -2.99 -7.57 2.53
C ALA B 56 -1.46 -7.62 2.54
N LYS B 57 -0.83 -6.99 3.53
CA LYS B 57 0.63 -6.98 3.71
C LYS B 57 1.18 -8.40 3.79
N ILE B 58 2.10 -8.78 2.91
CA ILE B 58 2.91 -9.98 3.07
C ILE B 58 3.94 -9.70 4.15
N TYR B 59 4.06 -10.57 5.14
CA TYR B 59 4.96 -10.37 6.27
C TYR B 59 6.21 -11.25 6.23
N ALA B 60 6.09 -12.47 5.69
CA ALA B 60 7.18 -13.45 5.64
C ALA B 60 7.03 -14.43 4.47
N MET B 61 8.13 -15.04 4.07
CA MET B 61 8.18 -16.11 3.09
C MET B 61 9.36 -17.04 3.35
N HIS B 62 9.22 -18.33 3.00
CA HIS B 62 10.35 -19.31 3.09
C HIS B 62 10.34 -20.29 1.92
N TRP B 63 11.47 -20.50 1.23
CA TRP B 63 11.60 -21.56 0.21
C TRP B 63 11.59 -22.96 0.83
N GLY B 64 10.98 -23.92 0.14
CA GLY B 64 11.21 -25.34 0.36
C GLY B 64 12.61 -25.78 -0.11
N THR B 65 13.04 -26.98 0.26
CA THR B 65 14.41 -27.45 -0.04
C THR B 65 14.65 -27.70 -1.53
N ASP B 66 13.63 -28.13 -2.26
CA ASP B 66 13.60 -28.02 -3.72
C ASP B 66 13.23 -26.60 -4.13
N SER B 67 14.02 -25.96 -4.98
CA SER B 67 13.86 -24.55 -5.35
C SER B 67 12.61 -24.22 -6.22
N ARG B 68 11.55 -25.03 -6.17
CA ARG B 68 10.23 -24.76 -6.77
C ARG B 68 9.23 -24.21 -5.78
N LEU B 69 9.01 -24.91 -4.68
CA LEU B 69 7.97 -24.59 -3.72
C LEU B 69 8.43 -23.52 -2.75
N LEU B 70 7.52 -22.63 -2.37
CA LEU B 70 7.72 -21.69 -1.28
C LEU B 70 6.42 -21.46 -0.55
N VAL B 71 6.52 -21.07 0.72
CA VAL B 71 5.39 -20.66 1.55
C VAL B 71 5.50 -19.16 1.80
N SER B 72 4.37 -18.49 1.93
CA SER B 72 4.31 -17.07 2.26
C SER B 72 3.12 -16.77 3.16
N ALA B 73 3.27 -15.78 4.03
CA ALA B 73 2.30 -15.41 5.05
C ALA B 73 1.87 -13.96 4.88
N SER B 74 0.57 -13.70 4.99
CA SER B 74 -0.03 -12.39 4.83
C SER B 74 -1.01 -12.10 5.94
N GLN B 75 -1.12 -10.82 6.31
CA GLN B 75 -2.03 -10.40 7.38
C GLN B 75 -3.51 -10.36 6.95
N ASP B 76 -3.84 -10.88 5.77
CA ASP B 76 -5.20 -11.32 5.41
C ASP B 76 -5.57 -12.67 6.06
N GLY B 77 -4.62 -13.34 6.71
CA GLY B 77 -4.84 -14.61 7.41
C GLY B 77 -4.68 -15.84 6.54
N LYS B 78 -4.10 -15.73 5.35
CA LYS B 78 -3.76 -16.88 4.50
C LYS B 78 -2.26 -17.16 4.56
N LEU B 79 -1.95 -18.43 4.68
CA LEU B 79 -0.63 -18.97 4.38
C LEU B 79 -0.76 -19.68 3.03
N ILE B 80 0.05 -19.33 2.03
CA ILE B 80 -0.11 -19.84 0.67
C ILE B 80 1.16 -20.54 0.22
N ILE B 81 1.01 -21.72 -0.37
CA ILE B 81 2.11 -22.50 -0.92
C ILE B 81 2.07 -22.38 -2.44
N TRP B 82 3.16 -21.93 -3.02
CA TRP B 82 3.26 -21.58 -4.44
C TRP B 82 4.18 -22.55 -5.15
N ASP B 83 3.78 -23.06 -6.30
CA ASP B 83 4.71 -23.63 -7.27
C ASP B 83 5.29 -22.49 -8.12
N SER B 84 6.47 -22.00 -7.76
CA SER B 84 7.00 -20.80 -8.40
C SER B 84 7.26 -20.94 -9.90
N TYR B 85 7.46 -22.15 -10.43
CA TYR B 85 7.72 -22.35 -11.86
C TYR B 85 6.48 -22.03 -12.70
N THR B 86 5.31 -22.52 -12.28
CA THR B 86 4.03 -22.32 -12.99
C THR B 86 3.18 -21.19 -12.43
N THR B 87 3.50 -20.70 -11.23
CA THR B 87 2.68 -19.80 -10.38
C THR B 87 1.40 -20.44 -9.84
N ASN B 88 1.22 -21.76 -9.94
CA ASN B 88 0.04 -22.39 -9.36
C ASN B 88 0.05 -22.31 -7.82
N LYS B 89 -1.08 -21.99 -7.24
CA LYS B 89 -1.31 -22.13 -5.80
C LYS B 89 -1.51 -23.61 -5.52
N VAL B 90 -0.54 -24.22 -4.83
CA VAL B 90 -0.62 -25.68 -4.52
C VAL B 90 -1.59 -25.82 -3.35
N HIS B 91 -1.50 -24.90 -2.41
CA HIS B 91 -2.42 -24.92 -1.23
C HIS B 91 -2.60 -23.54 -0.63
N ALA B 92 -3.78 -23.25 -0.09
CA ALA B 92 -3.99 -22.08 0.74
C ALA B 92 -4.55 -22.54 2.11
N ILE B 93 -3.89 -22.17 3.20
CA ILE B 93 -4.24 -22.56 4.56
C ILE B 93 -4.88 -21.35 5.27
N PRO B 94 -6.09 -21.47 5.83
CA PRO B 94 -6.64 -20.44 6.70
C PRO B 94 -5.98 -20.50 8.09
N LEU B 95 -5.30 -19.42 8.47
CA LEU B 95 -4.69 -19.26 9.79
C LEU B 95 -5.74 -18.92 10.85
N ARG B 96 -5.58 -19.41 12.08
CA ARG B 96 -6.52 -19.15 13.18
C ARG B 96 -6.46 -17.70 13.70
N SER B 97 -5.33 -17.01 13.51
CA SER B 97 -5.14 -15.58 13.79
C SER B 97 -4.44 -14.92 12.62
N SER B 98 -4.91 -13.74 12.20
CA SER B 98 -4.37 -13.03 11.03
C SER B 98 -3.04 -12.31 11.30
N TRP B 99 -2.69 -12.06 12.56
CA TRP B 99 -1.54 -11.18 12.90
C TRP B 99 -0.21 -11.91 12.88
N VAL B 100 0.04 -12.70 11.86
CA VAL B 100 1.28 -13.47 11.70
C VAL B 100 2.42 -12.62 11.22
N MET B 101 3.63 -13.00 11.63
CA MET B 101 4.87 -12.26 11.43
C MET B 101 5.98 -13.14 10.88
N THR B 102 5.77 -14.46 10.91
CA THR B 102 6.81 -15.43 10.45
C THR B 102 6.17 -16.69 9.84
N CYS B 103 6.91 -17.36 8.96
CA CYS B 103 6.46 -18.61 8.29
C CYS B 103 7.72 -19.46 8.04
N ALA B 104 7.64 -20.79 8.14
CA ALA B 104 8.80 -21.67 7.78
C ALA B 104 8.42 -22.96 7.02
N TYR B 105 9.32 -23.47 6.17
CA TYR B 105 9.16 -24.75 5.48
C TYR B 105 10.11 -25.78 6.11
N ALA B 106 9.62 -26.95 6.53
CA ALA B 106 10.47 -28.02 7.03
C ALA B 106 11.39 -28.59 5.93
N PRO B 107 12.63 -29.04 6.22
CA PRO B 107 13.55 -29.49 5.17
C PRO B 107 13.07 -30.70 4.36
N SER B 108 12.24 -31.55 4.95
CA SER B 108 11.57 -32.69 4.31
C SER B 108 10.44 -32.30 3.35
N GLY B 109 9.94 -31.08 3.41
CA GLY B 109 8.73 -30.64 2.72
C GLY B 109 7.43 -31.17 3.33
N ASN B 110 7.46 -31.93 4.44
CA ASN B 110 6.24 -32.49 5.04
C ASN B 110 5.41 -31.45 5.80
N TYR B 111 6.03 -30.38 6.29
CA TYR B 111 5.42 -29.43 7.21
C TYR B 111 5.77 -27.98 6.88
N VAL B 112 4.87 -27.07 7.28
CA VAL B 112 5.16 -25.64 7.41
C VAL B 112 4.82 -25.17 8.82
N ALA B 113 5.51 -24.14 9.30
CA ALA B 113 5.28 -23.50 10.59
C ALA B 113 4.95 -22.03 10.43
N CYS B 114 4.18 -21.46 11.35
CA CYS B 114 3.73 -20.07 11.28
C CYS B 114 3.48 -19.46 12.67
N GLY B 115 3.63 -18.14 12.84
CA GLY B 115 3.28 -17.43 14.08
C GLY B 115 3.45 -15.91 14.04
N GLY B 116 2.98 -15.20 15.07
CA GLY B 116 3.13 -13.75 15.23
C GLY B 116 2.61 -13.23 16.57
N LEU B 117 1.70 -12.25 16.54
CA LEU B 117 1.13 -11.61 17.75
C LEU B 117 0.22 -12.52 18.58
N ASP B 118 0.06 -13.78 18.21
CA ASP B 118 -0.68 -14.81 18.93
C ASP B 118 0.16 -15.54 19.99
N ASN B 119 1.48 -15.31 20.06
CA ASN B 119 2.42 -15.97 20.98
C ASN B 119 2.49 -17.51 20.83
N ILE B 120 2.14 -18.05 19.67
CA ILE B 120 2.13 -19.48 19.37
C ILE B 120 2.92 -19.75 18.08
N CYS B 121 3.62 -20.87 17.99
CA CYS B 121 4.08 -21.40 16.71
C CYS B 121 3.18 -22.58 16.32
N SER B 122 2.49 -22.48 15.19
CA SER B 122 1.60 -23.54 14.69
C SER B 122 2.29 -24.34 13.61
N ILE B 123 2.24 -25.66 13.70
CA ILE B 123 2.83 -26.59 12.75
C ILE B 123 1.70 -27.21 11.91
N TYR B 124 1.79 -27.11 10.58
CA TYR B 124 0.81 -27.63 9.64
C TYR B 124 1.37 -28.82 8.85
N ASN B 125 0.64 -29.93 8.85
CA ASN B 125 0.97 -31.14 8.10
C ASN B 125 0.44 -31.06 6.67
N LEU B 126 1.34 -31.06 5.68
CA LEU B 126 0.97 -30.95 4.27
C LEU B 126 0.52 -32.29 3.66
N LYS B 127 0.99 -33.42 4.19
CA LYS B 127 0.92 -34.72 3.55
C LYS B 127 -0.05 -35.68 4.26
N THR B 128 -1.26 -35.21 4.56
CA THR B 128 -2.31 -36.01 5.20
C THR B 128 -2.93 -37.03 4.24
N ARG B 129 -3.51 -38.11 4.76
CA ARG B 129 -4.26 -39.09 3.97
C ARG B 129 -5.63 -38.60 3.52
N GLU B 130 -6.26 -37.68 4.26
CA GLU B 130 -7.54 -37.07 3.92
C GLU B 130 -7.47 -35.98 2.83
N GLY B 131 -6.28 -35.59 2.38
CA GLY B 131 -6.06 -34.68 1.26
C GLY B 131 -6.16 -33.19 1.58
N ASN B 132 -6.56 -32.81 2.79
CA ASN B 132 -6.59 -31.43 3.29
C ASN B 132 -5.44 -31.16 4.29
N VAL B 133 -4.76 -30.03 4.17
CA VAL B 133 -3.74 -29.58 5.14
C VAL B 133 -4.36 -29.37 6.52
N ARG B 134 -3.67 -29.78 7.58
CA ARG B 134 -4.21 -29.79 8.95
C ARG B 134 -3.19 -29.33 10.00
N VAL B 135 -3.66 -28.86 11.16
CA VAL B 135 -2.79 -28.52 12.29
C VAL B 135 -2.24 -29.80 12.93
N SER B 136 -0.92 -29.93 12.94
CA SER B 136 -0.19 -31.01 13.63
C SER B 136 -0.08 -30.73 15.13
N ARG B 137 0.44 -29.56 15.50
CA ARG B 137 0.55 -29.09 16.89
C ARG B 137 0.62 -27.57 16.97
N GLU B 138 0.20 -27.01 18.11
CA GLU B 138 0.40 -25.61 18.46
C GLU B 138 1.35 -25.50 19.66
N LEU B 139 2.50 -24.86 19.49
CA LEU B 139 3.54 -24.69 20.49
C LEU B 139 3.30 -23.42 21.30
N ALA B 140 2.82 -23.57 22.53
CA ALA B 140 2.51 -22.47 23.45
C ALA B 140 3.50 -22.43 24.64
N GLY B 141 4.04 -21.26 24.96
CA GLY B 141 5.00 -21.09 26.06
C GLY B 141 5.78 -19.78 26.08
N HIS B 142 5.93 -19.09 24.94
CA HIS B 142 6.40 -17.70 24.90
C HIS B 142 5.35 -16.74 25.49
N THR B 143 5.79 -15.66 26.13
CA THR B 143 4.92 -14.62 26.71
C THR B 143 4.96 -13.31 25.91
N GLY B 144 5.59 -13.32 24.72
CA GLY B 144 5.59 -12.23 23.76
C GLY B 144 5.69 -12.76 22.33
N TYR B 145 5.31 -11.94 21.36
CA TYR B 145 5.05 -12.34 19.97
C TYR B 145 6.21 -13.10 19.33
N LEU B 146 5.92 -14.03 18.41
CA LEU B 146 6.97 -14.73 17.68
C LEU B 146 7.44 -13.91 16.50
N SER B 147 8.73 -13.63 16.46
CA SER B 147 9.34 -12.84 15.38
C SER B 147 9.95 -13.72 14.28
N CYS B 148 10.33 -14.96 14.59
CA CYS B 148 10.95 -15.90 13.63
C CYS B 148 10.86 -17.35 14.10
N CYS B 149 11.04 -18.32 13.19
CA CYS B 149 10.99 -19.79 13.49
C CYS B 149 11.78 -20.49 12.37
N ARG B 150 12.34 -21.68 12.62
CA ARG B 150 13.14 -22.46 11.64
C ARG B 150 13.27 -23.90 12.10
N PHE B 151 12.71 -24.86 11.36
CA PHE B 151 12.77 -26.31 11.71
C PHE B 151 14.20 -26.84 11.56
N LEU B 152 14.61 -27.74 12.46
CA LEU B 152 15.94 -28.42 12.32
C LEU B 152 15.62 -29.74 11.63
N ASP B 153 14.52 -30.36 12.00
CA ASP B 153 13.96 -31.57 11.37
C ASP B 153 12.46 -31.68 11.70
N ASP B 154 11.76 -32.67 11.19
CA ASP B 154 10.31 -32.83 11.39
C ASP B 154 9.86 -32.94 12.87
N ASN B 155 10.78 -33.13 13.81
CA ASN B 155 10.52 -33.21 15.24
C ASN B 155 11.08 -32.04 16.06
N GLN B 156 11.89 -31.14 15.49
CA GLN B 156 12.50 -30.02 16.24
C GLN B 156 12.51 -28.69 15.50
N ILE B 157 12.15 -27.61 16.22
CA ILE B 157 12.09 -26.23 15.63
C ILE B 157 12.65 -25.16 16.61
N VAL B 158 13.47 -24.20 16.13
CA VAL B 158 13.98 -23.03 16.95
C VAL B 158 13.15 -21.77 16.71
N THR B 159 12.80 -21.00 17.76
CA THR B 159 11.93 -19.80 17.72
C THR B 159 12.54 -18.58 18.41
N SER B 160 12.24 -17.37 17.93
CA SER B 160 12.59 -16.07 18.53
C SER B 160 11.34 -15.28 18.91
N SER B 161 11.42 -14.48 19.96
CA SER B 161 10.24 -13.81 20.54
C SER B 161 10.50 -12.42 21.11
N GLY B 162 9.42 -11.64 21.17
CA GLY B 162 9.37 -10.32 21.79
C GLY B 162 9.64 -10.34 23.31
N ASP B 163 9.44 -11.48 23.99
CA ASP B 163 9.78 -11.66 25.41
C ASP B 163 11.30 -11.80 25.68
N THR B 164 12.15 -11.43 24.72
CA THR B 164 13.62 -11.43 24.78
C THR B 164 14.29 -12.80 24.76
N THR B 165 13.54 -13.91 24.69
CA THR B 165 14.12 -15.26 24.64
C THR B 165 14.25 -15.83 23.21
N CYS B 166 14.96 -16.95 23.10
CA CYS B 166 14.75 -17.94 22.04
C CYS B 166 14.40 -19.28 22.69
N ALA B 167 13.74 -20.19 21.97
CA ALA B 167 13.45 -21.53 22.48
C ALA B 167 13.56 -22.60 21.41
N LEU B 168 14.01 -23.79 21.81
CA LEU B 168 14.07 -25.02 21.03
C LEU B 168 12.98 -25.97 21.52
N TRP B 169 12.15 -26.45 20.61
CA TRP B 169 10.98 -27.27 20.92
C TRP B 169 11.13 -28.69 20.42
N ASP B 170 10.64 -29.65 21.19
CA ASP B 170 10.32 -30.99 20.69
C ASP B 170 8.87 -31.01 20.23
N ILE B 171 8.64 -31.13 18.91
CA ILE B 171 7.31 -30.99 18.31
C ILE B 171 6.39 -32.15 18.71
N GLU B 172 6.94 -33.36 18.88
CA GLU B 172 6.16 -34.54 19.26
C GLU B 172 5.51 -34.41 20.63
N THR B 173 6.24 -33.91 21.63
CA THR B 173 5.75 -33.65 22.99
C THR B 173 5.13 -32.26 23.16
N GLY B 174 5.48 -31.31 22.29
CA GLY B 174 4.98 -29.94 22.33
C GLY B 174 5.63 -29.08 23.42
N GLN B 175 6.85 -29.40 23.83
CA GLN B 175 7.52 -28.81 24.99
C GLN B 175 8.89 -28.22 24.66
N GLN B 176 9.29 -27.16 25.37
CA GLN B 176 10.62 -26.58 25.22
C GLN B 176 11.68 -27.53 25.78
N THR B 177 12.58 -27.99 24.91
CA THR B 177 13.79 -28.74 25.28
C THR B 177 14.89 -27.84 25.82
N THR B 178 14.91 -26.55 25.44
CA THR B 178 15.85 -25.55 25.94
C THR B 178 15.24 -24.16 25.77
N THR B 179 15.41 -23.28 26.76
CA THR B 179 15.17 -21.84 26.64
C THR B 179 16.51 -21.12 26.64
N PHE B 180 16.72 -20.19 25.71
CA PHE B 180 17.93 -19.40 25.56
C PHE B 180 17.64 -17.97 26.05
N THR B 181 18.44 -17.48 26.99
CA THR B 181 18.21 -16.21 27.70
C THR B 181 19.50 -15.41 27.81
N GLY B 182 19.44 -14.10 27.59
CA GLY B 182 20.61 -13.22 27.64
C GLY B 182 20.47 -11.90 26.86
N HIS B 183 19.63 -11.86 25.81
CA HIS B 183 19.19 -10.58 25.23
C HIS B 183 18.33 -9.80 26.21
N THR B 184 18.38 -8.48 26.14
CA THR B 184 17.65 -7.54 26.99
C THR B 184 16.53 -6.81 26.24
N GLY B 185 16.63 -6.67 24.91
CA GLY B 185 15.54 -6.24 24.03
C GLY B 185 14.80 -7.41 23.38
N ASP B 186 13.68 -7.13 22.72
CA ASP B 186 12.92 -8.12 21.94
C ASP B 186 13.78 -8.76 20.85
N VAL B 187 13.74 -10.09 20.69
CA VAL B 187 14.53 -10.79 19.66
C VAL B 187 13.73 -10.78 18.37
N MET B 188 14.29 -10.23 17.30
CA MET B 188 13.57 -9.98 16.05
C MET B 188 13.83 -10.99 14.94
N SER B 189 14.91 -11.74 15.02
CA SER B 189 15.37 -12.58 13.92
C SER B 189 16.23 -13.73 14.44
N LEU B 190 16.38 -14.76 13.57
CA LEU B 190 17.10 -16.00 13.94
C LEU B 190 17.69 -16.61 12.66
N SER B 191 18.81 -17.30 12.76
CA SER B 191 19.42 -17.99 11.62
C SER B 191 20.22 -19.20 12.10
N LEU B 192 19.90 -20.38 11.54
CA LEU B 192 20.55 -21.64 11.95
C LEU B 192 21.78 -21.89 11.08
N ALA B 193 22.90 -22.28 11.70
CA ALA B 193 24.12 -22.59 10.96
C ALA B 193 23.87 -23.70 9.92
N PRO B 194 24.65 -23.78 8.83
CA PRO B 194 24.50 -24.84 7.82
C PRO B 194 24.68 -26.26 8.38
N ASP B 195 25.42 -26.47 9.48
CA ASP B 195 25.50 -27.78 10.16
C ASP B 195 24.40 -28.01 11.23
N THR B 196 23.56 -27.02 11.51
CA THR B 196 22.52 -27.00 12.55
C THR B 196 22.99 -27.22 14.01
N ARG B 197 24.29 -27.16 14.30
CA ARG B 197 24.82 -27.23 15.66
C ARG B 197 24.74 -25.90 16.44
N LEU B 198 24.70 -24.77 15.73
CA LEU B 198 24.67 -23.41 16.27
C LEU B 198 23.54 -22.59 15.63
N PHE B 199 23.12 -21.52 16.29
CA PHE B 199 22.32 -20.47 15.66
C PHE B 199 22.71 -19.08 16.16
N VAL B 200 22.36 -18.04 15.39
CA VAL B 200 22.49 -16.63 15.82
C VAL B 200 21.12 -15.97 15.90
N SER B 201 20.95 -15.04 16.82
CA SER B 201 19.75 -14.21 16.92
C SER B 201 20.09 -12.74 17.16
N GLY B 202 19.32 -11.83 16.56
CA GLY B 202 19.49 -10.38 16.68
C GLY B 202 18.30 -9.72 17.38
N ALA B 203 18.55 -8.66 18.16
CA ALA B 203 17.56 -8.08 19.06
C ALA B 203 17.50 -6.54 19.04
N CYS B 204 16.45 -5.98 19.65
CA CYS B 204 16.22 -4.54 19.74
C CYS B 204 17.25 -3.76 20.58
N ASP B 205 18.00 -4.43 21.44
CA ASP B 205 19.12 -3.84 22.18
C ASP B 205 20.42 -3.73 21.36
N ALA B 206 20.33 -3.98 20.04
CA ALA B 206 21.44 -3.99 19.08
C ALA B 206 22.52 -5.06 19.31
N SER B 207 22.26 -6.07 20.14
CA SER B 207 23.10 -7.26 20.25
C SER B 207 22.78 -8.27 19.16
N ALA B 208 23.81 -9.00 18.70
CA ALA B 208 23.65 -10.34 18.14
C ALA B 208 24.35 -11.36 19.04
N LYS B 209 23.77 -12.54 19.23
CA LYS B 209 24.32 -13.61 20.09
C LYS B 209 24.42 -14.93 19.35
N LEU B 210 25.48 -15.69 19.60
CA LEU B 210 25.72 -17.02 19.06
C LEU B 210 25.43 -18.07 20.12
N TRP B 211 24.61 -19.06 19.80
CA TRP B 211 24.11 -20.05 20.74
C TRP B 211 24.53 -21.47 20.36
N ASP B 212 24.84 -22.30 21.37
CA ASP B 212 24.99 -23.74 21.20
C ASP B 212 23.65 -24.46 21.33
N VAL B 213 23.17 -25.09 20.25
CA VAL B 213 21.86 -25.75 20.21
C VAL B 213 21.78 -26.94 21.17
N ARG B 214 22.89 -27.66 21.37
CA ARG B 214 22.96 -28.83 22.23
C ARG B 214 23.09 -28.45 23.70
N GLU B 215 23.95 -27.48 24.02
CA GLU B 215 24.32 -27.14 25.40
C GLU B 215 23.50 -25.98 26.01
N GLY B 216 22.77 -25.20 25.20
CA GLY B 216 21.84 -24.19 25.70
C GLY B 216 22.48 -22.92 26.23
N MET B 217 23.66 -22.55 25.71
CA MET B 217 24.50 -21.46 26.21
C MET B 217 24.77 -20.39 25.14
N CYS B 218 24.87 -19.13 25.54
CA CYS B 218 25.42 -18.07 24.71
C CYS B 218 26.95 -18.20 24.66
N ARG B 219 27.52 -18.56 23.51
CA ARG B 219 28.98 -18.66 23.34
C ARG B 219 29.64 -17.30 23.17
N GLN B 220 28.99 -16.39 22.44
CA GLN B 220 29.55 -15.07 22.08
C GLN B 220 28.46 -14.02 21.90
N THR B 221 28.78 -12.77 22.20
CA THR B 221 27.92 -11.61 21.96
C THR B 221 28.65 -10.59 21.08
N PHE B 222 27.94 -10.01 20.12
CA PHE B 222 28.44 -9.06 19.13
C PHE B 222 27.62 -7.76 19.22
N THR B 223 28.30 -6.62 19.10
CA THR B 223 27.69 -5.28 19.17
C THR B 223 28.36 -4.34 18.17
N GLY B 224 27.62 -3.35 17.67
CA GLY B 224 28.13 -2.37 16.71
C GLY B 224 27.05 -1.45 16.14
N HIS B 225 25.88 -1.99 15.81
CA HIS B 225 24.73 -1.18 15.37
C HIS B 225 24.27 -0.20 16.46
N GLU B 226 23.81 0.98 16.05
CA GLU B 226 23.28 2.01 16.94
C GLU B 226 21.81 1.79 17.35
N SER B 227 21.11 0.86 16.70
CA SER B 227 19.66 0.71 16.78
C SER B 227 19.23 -0.73 16.57
N ASP B 228 17.96 -1.03 16.87
CA ASP B 228 17.39 -2.38 16.83
C ASP B 228 17.69 -3.17 15.56
N ILE B 229 18.19 -4.40 15.71
CA ILE B 229 18.45 -5.34 14.61
C ILE B 229 17.15 -6.01 14.19
N ASN B 230 16.75 -5.86 12.94
CA ASN B 230 15.54 -6.45 12.37
C ASN B 230 15.77 -7.82 11.72
N ALA B 231 16.98 -8.05 11.19
CA ALA B 231 17.28 -9.17 10.31
C ALA B 231 18.69 -9.74 10.56
N ILE B 232 18.85 -11.05 10.42
CA ILE B 232 20.12 -11.75 10.60
C ILE B 232 20.22 -12.96 9.64
N CYS B 233 21.42 -13.28 9.16
CA CYS B 233 21.63 -14.36 8.20
C CYS B 233 23.05 -14.92 8.30
N PHE B 234 23.20 -16.24 8.47
CA PHE B 234 24.49 -16.89 8.35
C PHE B 234 25.06 -16.79 6.94
N PHE B 235 26.35 -16.56 6.83
CA PHE B 235 27.10 -16.72 5.59
C PHE B 235 27.19 -18.23 5.24
N PRO B 236 27.23 -18.65 3.96
CA PRO B 236 27.11 -20.06 3.58
C PRO B 236 28.11 -21.04 4.19
N ASN B 237 29.31 -20.57 4.54
CA ASN B 237 30.35 -21.37 5.21
C ASN B 237 30.07 -21.67 6.70
N GLY B 238 29.15 -20.94 7.35
CA GLY B 238 28.86 -21.07 8.79
C GLY B 238 29.86 -20.39 9.76
N ASN B 239 30.92 -19.74 9.26
CA ASN B 239 31.93 -19.04 10.07
C ASN B 239 31.70 -17.53 10.26
N ALA B 240 30.69 -16.96 9.62
CA ALA B 240 30.35 -15.55 9.65
C ALA B 240 28.85 -15.34 9.50
N PHE B 241 28.36 -14.15 9.82
CA PHE B 241 26.96 -13.80 9.64
C PHE B 241 26.81 -12.30 9.38
N ALA B 242 25.67 -11.90 8.84
CA ALA B 242 25.31 -10.50 8.62
C ALA B 242 24.02 -10.10 9.34
N THR B 243 23.92 -8.84 9.74
CA THR B 243 22.76 -8.23 10.41
C THR B 243 22.29 -6.98 9.68
N GLY B 244 21.01 -6.64 9.78
CA GLY B 244 20.44 -5.37 9.32
C GLY B 244 19.51 -4.75 10.35
N SER B 245 19.48 -3.42 10.44
CA SER B 245 18.86 -2.69 11.54
C SER B 245 18.26 -1.35 11.12
N ASP B 246 17.49 -0.74 12.02
CA ASP B 246 16.96 0.64 11.92
C ASP B 246 18.07 1.72 11.82
N ASP B 247 19.30 1.34 12.10
CA ASP B 247 20.54 2.11 11.92
C ASP B 247 20.76 2.60 10.48
N ALA B 248 20.03 2.04 9.51
CA ALA B 248 20.25 2.19 8.07
C ALA B 248 21.59 1.61 7.58
N THR B 249 22.09 0.57 8.26
CA THR B 249 23.29 -0.17 7.83
C THR B 249 23.11 -1.68 7.94
N CYS B 250 23.98 -2.42 7.27
CA CYS B 250 24.23 -3.84 7.54
C CYS B 250 25.63 -4.01 8.16
N ARG B 251 25.81 -5.02 9.00
CA ARG B 251 27.12 -5.44 9.54
C ARG B 251 27.45 -6.87 9.13
N LEU B 252 28.74 -7.19 8.99
CA LEU B 252 29.27 -8.56 8.89
C LEU B 252 30.18 -8.85 10.08
N PHE B 253 30.03 -10.01 10.72
CA PHE B 253 30.89 -10.52 11.79
C PHE B 253 31.50 -11.88 11.42
N ASP B 254 32.72 -12.19 11.85
CA ASP B 254 33.24 -13.58 11.84
C ASP B 254 33.29 -14.10 13.29
N LEU B 255 32.75 -15.30 13.50
CA LEU B 255 32.62 -15.89 14.83
C LEU B 255 33.98 -16.10 15.52
N ARG B 256 34.97 -16.51 14.73
CA ARG B 256 36.31 -16.86 15.28
C ARG B 256 37.11 -15.62 15.68
N ALA B 257 36.89 -14.48 15.03
CA ALA B 257 37.57 -13.24 15.47
C ALA B 257 36.68 -12.53 16.50
N ASP B 258 35.42 -12.97 16.65
CA ASP B 258 34.50 -12.40 17.68
C ASP B 258 34.43 -10.88 17.54
N GLN B 259 34.29 -10.39 16.31
CA GLN B 259 34.13 -8.94 16.07
C GLN B 259 33.62 -8.61 14.66
N GLU B 260 33.15 -7.38 14.45
CA GLU B 260 32.73 -6.87 13.13
C GLU B 260 33.92 -6.84 12.15
N LEU B 261 33.74 -7.42 10.96
CA LEU B 261 34.67 -7.29 9.83
C LEU B 261 34.30 -6.12 8.90
N MET B 262 33.01 -5.84 8.71
CA MET B 262 32.53 -4.88 7.70
C MET B 262 31.20 -4.23 8.08
N THR B 263 30.98 -3.01 7.60
CA THR B 263 29.68 -2.31 7.62
C THR B 263 29.31 -1.84 6.21
N TYR B 264 28.06 -2.06 5.80
CA TYR B 264 27.54 -1.70 4.49
C TYR B 264 26.54 -0.57 4.65
N SER B 265 26.86 0.58 4.06
CA SER B 265 26.07 1.81 4.13
C SER B 265 26.47 2.77 3.00
N HIS B 266 25.60 3.73 2.71
CA HIS B 266 25.89 4.86 1.82
C HIS B 266 25.05 6.05 2.30
N ASP B 267 25.55 7.28 2.21
CA ASP B 267 24.87 8.43 2.84
C ASP B 267 23.53 8.82 2.18
N ASN B 268 23.24 8.30 0.99
CA ASN B 268 21.92 8.40 0.35
C ASN B 268 20.90 7.41 0.94
N ILE B 269 21.35 6.27 1.49
CA ILE B 269 20.50 5.33 2.23
C ILE B 269 20.26 5.89 3.62
N ILE B 270 18.98 6.07 4.00
CA ILE B 270 18.64 6.77 5.25
C ILE B 270 17.56 6.07 6.08
N CYS B 271 16.93 5.02 5.56
CA CYS B 271 15.90 4.24 6.22
C CYS B 271 16.40 2.86 6.69
N GLY B 272 15.60 2.15 7.50
CA GLY B 272 15.97 0.84 8.04
C GLY B 272 16.04 -0.30 7.02
N ILE B 273 16.81 -1.33 7.37
CA ILE B 273 16.87 -2.61 6.66
C ILE B 273 15.83 -3.55 7.28
N THR B 274 14.99 -4.18 6.47
CA THR B 274 13.92 -5.09 6.89
C THR B 274 14.31 -6.56 6.93
N SER B 275 15.26 -6.96 6.09
CA SER B 275 15.56 -8.35 5.73
C SER B 275 16.94 -8.43 5.09
N VAL B 276 17.63 -9.56 5.23
CA VAL B 276 18.91 -9.85 4.55
C VAL B 276 19.00 -11.32 4.15
N SER B 277 19.76 -11.64 3.10
CA SER B 277 20.11 -13.00 2.69
C SER B 277 21.37 -13.01 1.84
N PHE B 278 22.01 -14.16 1.65
CA PHE B 278 23.22 -14.31 0.85
C PHE B 278 22.99 -15.15 -0.41
N SER B 279 23.77 -14.86 -1.45
CA SER B 279 23.76 -15.68 -2.68
C SER B 279 24.39 -17.06 -2.37
N LYS B 280 24.57 -17.93 -3.37
CA LYS B 280 25.13 -19.28 -3.19
C LYS B 280 26.63 -19.29 -2.91
N SER B 281 27.31 -18.21 -3.25
CA SER B 281 28.74 -18.12 -2.90
C SER B 281 28.90 -17.30 -1.64
N GLY B 282 27.84 -16.64 -1.18
CA GLY B 282 28.00 -15.66 -0.09
C GLY B 282 28.91 -14.55 -0.58
N ARG B 283 28.74 -14.11 -1.83
CA ARG B 283 29.56 -13.02 -2.41
C ARG B 283 28.65 -11.82 -2.57
N LEU B 284 27.36 -12.06 -2.39
CA LEU B 284 26.39 -10.97 -2.51
C LEU B 284 25.48 -10.99 -1.31
N LEU B 285 25.30 -9.82 -0.72
CA LEU B 285 24.38 -9.66 0.42
C LEU B 285 23.21 -8.89 -0.14
N LEU B 286 22.06 -9.49 -0.04
CA LEU B 286 20.85 -8.86 -0.56
C LEU B 286 20.02 -8.38 0.62
N ALA B 287 19.61 -7.12 0.60
CA ALA B 287 18.93 -6.47 1.73
C ALA B 287 17.66 -5.76 1.29
N GLY B 288 16.56 -5.93 2.03
CA GLY B 288 15.31 -5.21 1.81
C GLY B 288 15.23 -3.96 2.67
N TYR B 289 14.60 -2.89 2.16
CA TYR B 289 14.57 -1.58 2.81
C TYR B 289 13.17 -1.01 2.95
N ASP B 290 12.99 -0.12 3.92
CA ASP B 290 11.75 0.63 4.11
C ASP B 290 11.41 1.60 2.97
N ASP B 291 12.38 2.06 2.17
CA ASP B 291 12.16 2.96 1.02
C ASP B 291 11.61 2.26 -0.23
N PHE B 292 11.04 1.07 -0.04
CA PHE B 292 10.44 0.20 -1.05
C PHE B 292 11.43 -0.50 -2.00
N ASN B 293 12.74 -0.22 -1.94
CA ASN B 293 13.73 -0.96 -2.71
C ASN B 293 14.29 -2.16 -1.95
N CYS B 294 15.02 -2.98 -2.70
CA CYS B 294 15.97 -3.94 -2.19
C CYS B 294 17.32 -3.62 -2.85
N ASN B 295 18.43 -3.67 -2.12
CA ASN B 295 19.76 -3.39 -2.65
C ASN B 295 20.62 -4.64 -2.56
N VAL B 296 21.49 -4.79 -3.55
CA VAL B 296 22.44 -5.88 -3.66
C VAL B 296 23.81 -5.32 -3.33
N TRP B 297 24.41 -5.88 -2.28
CA TRP B 297 25.73 -5.43 -1.81
C TRP B 297 26.82 -6.43 -2.14
N ASP B 298 28.00 -5.97 -2.51
CA ASP B 298 29.15 -6.88 -2.66
C ASP B 298 29.71 -7.13 -1.28
N ALA B 299 29.25 -8.17 -0.58
CA ALA B 299 29.60 -8.50 0.82
C ALA B 299 31.09 -8.47 1.15
N LEU B 300 31.97 -8.37 0.16
CA LEU B 300 33.42 -8.47 0.43
C LEU B 300 34.13 -7.15 0.10
N LYS B 301 33.55 -6.35 -0.80
CA LYS B 301 34.13 -5.04 -1.20
C LYS B 301 33.19 -3.99 -0.64
N ALA B 302 32.05 -4.44 -0.13
CA ALA B 302 31.04 -3.54 0.44
C ALA B 302 30.47 -2.46 -0.50
N ASP B 303 30.71 -2.57 -1.81
CA ASP B 303 30.08 -1.72 -2.82
C ASP B 303 28.62 -2.10 -3.07
N ARG B 304 27.79 -1.12 -3.42
CA ARG B 304 26.40 -1.33 -3.83
C ARG B 304 26.37 -1.75 -5.30
N ALA B 305 26.07 -3.01 -5.55
CA ALA B 305 26.19 -3.68 -6.84
C ALA B 305 24.92 -3.65 -7.72
N GLY B 306 23.74 -3.43 -7.14
CA GLY B 306 22.49 -3.41 -7.90
C GLY B 306 21.27 -3.12 -7.03
N VAL B 307 20.11 -2.95 -7.66
CA VAL B 307 18.83 -2.63 -7.01
C VAL B 307 17.72 -3.51 -7.56
N LEU B 308 16.86 -4.06 -6.71
CA LEU B 308 15.62 -4.71 -7.12
C LEU B 308 14.46 -3.74 -6.87
N ALA B 309 14.27 -2.81 -7.80
CA ALA B 309 13.19 -1.83 -7.75
C ALA B 309 11.97 -2.38 -8.49
N GLY B 310 10.83 -2.47 -7.82
CA GLY B 310 9.61 -3.03 -8.41
C GLY B 310 8.46 -3.30 -7.43
N HIS B 311 8.51 -2.77 -6.22
CA HIS B 311 7.44 -2.87 -5.22
C HIS B 311 6.92 -1.48 -4.87
N ASP B 312 5.63 -1.38 -4.56
CA ASP B 312 4.96 -0.11 -4.25
C ASP B 312 4.89 0.19 -2.74
N ASN B 313 5.53 -0.61 -1.90
CA ASN B 313 5.57 -0.44 -0.45
C ASN B 313 6.83 -1.12 0.14
N ARG B 314 6.97 -1.24 1.47
CA ARG B 314 8.14 -1.87 2.11
C ARG B 314 8.41 -3.27 1.57
N VAL B 315 9.65 -3.56 1.17
CA VAL B 315 10.12 -4.94 1.04
C VAL B 315 10.12 -5.57 2.43
N SER B 316 9.16 -6.42 2.76
CA SER B 316 8.98 -6.93 4.12
C SER B 316 9.82 -8.18 4.40
N CYS B 317 10.14 -8.97 3.37
CA CYS B 317 10.84 -10.23 3.47
C CYS B 317 11.54 -10.57 2.15
N LEU B 318 12.54 -11.45 2.23
CA LEU B 318 13.48 -11.75 1.14
C LEU B 318 14.00 -13.18 1.32
N GLY B 319 14.34 -13.91 0.24
CA GLY B 319 14.96 -15.24 0.35
C GLY B 319 15.58 -15.74 -0.95
N VAL B 320 16.80 -16.26 -0.89
CA VAL B 320 17.47 -16.93 -2.02
C VAL B 320 17.18 -18.44 -1.99
N THR B 321 16.96 -19.08 -3.13
CA THR B 321 16.72 -20.54 -3.17
C THR B 321 17.97 -21.34 -2.84
N ASP B 322 17.81 -22.59 -2.39
CA ASP B 322 18.93 -23.50 -2.15
C ASP B 322 19.74 -23.83 -3.41
N ASP B 323 19.13 -23.79 -4.61
CA ASP B 323 19.87 -23.91 -5.88
C ASP B 323 20.73 -22.67 -6.18
N GLY B 324 20.45 -21.52 -5.57
CA GLY B 324 21.07 -20.24 -5.93
C GLY B 324 20.54 -19.63 -7.22
N MET B 325 19.41 -20.09 -7.74
CA MET B 325 18.89 -19.66 -9.06
C MET B 325 17.90 -18.51 -9.01
N ALA B 326 17.24 -18.25 -7.88
CA ALA B 326 16.27 -17.17 -7.78
C ALA B 326 16.29 -16.49 -6.42
N VAL B 327 15.85 -15.23 -6.41
CA VAL B 327 15.52 -14.47 -5.20
C VAL B 327 14.01 -14.27 -5.20
N ALA B 328 13.34 -14.54 -4.09
CA ALA B 328 11.98 -14.07 -3.87
C ALA B 328 12.03 -12.83 -2.99
N THR B 329 11.16 -11.86 -3.24
CA THR B 329 10.91 -10.73 -2.33
C THR B 329 9.41 -10.56 -2.14
N GLY B 330 8.99 -10.41 -0.89
CA GLY B 330 7.61 -10.10 -0.52
C GLY B 330 7.50 -8.65 -0.04
N SER B 331 6.28 -8.12 0.05
CA SER B 331 6.08 -6.70 0.25
C SER B 331 4.78 -6.34 0.93
N TRP B 332 4.69 -5.11 1.41
CA TRP B 332 3.47 -4.55 1.97
C TRP B 332 2.41 -4.17 0.92
N ASP B 333 2.75 -3.93 -0.35
CA ASP B 333 1.81 -4.21 -1.44
C ASP B 333 1.78 -5.72 -1.66
N SER B 334 0.60 -6.30 -1.82
CA SER B 334 0.35 -7.71 -1.51
C SER B 334 0.86 -8.74 -2.54
N PHE B 335 2.03 -8.54 -3.13
CA PHE B 335 2.62 -9.40 -4.15
C PHE B 335 4.00 -9.90 -3.77
N LEU B 336 4.34 -11.14 -4.14
CA LEU B 336 5.73 -11.56 -4.22
C LEU B 336 6.24 -11.40 -5.64
N LYS B 337 7.53 -11.18 -5.79
CA LYS B 337 8.22 -11.21 -7.08
C LYS B 337 9.40 -12.15 -7.02
N ILE B 338 9.63 -12.86 -8.13
CA ILE B 338 10.80 -13.76 -8.26
C ILE B 338 11.77 -13.03 -9.17
N TRP B 339 13.06 -13.13 -8.90
CA TRP B 339 14.08 -12.35 -9.63
C TRP B 339 15.24 -13.22 -10.09
N ASN B 340 15.77 -12.95 -11.29
CA ASN B 340 16.89 -13.70 -11.95
C ASN B 340 16.78 -15.24 -11.96
N THR C 6 18.93 -8.84 46.74
CA THR C 6 19.83 -9.93 46.35
C THR C 6 19.70 -10.33 44.88
N ALA C 7 18.55 -10.07 44.26
CA ALA C 7 18.30 -10.38 42.85
C ALA C 7 19.26 -9.64 41.90
N SER C 8 19.55 -8.37 42.18
CA SER C 8 20.51 -7.58 41.40
C SER C 8 21.95 -8.11 41.56
N ILE C 9 22.28 -8.55 42.76
CA ILE C 9 23.63 -9.15 43.01
C ILE C 9 23.64 -10.57 42.44
N ALA C 10 22.56 -11.32 42.63
CA ALA C 10 22.47 -12.69 42.06
C ALA C 10 22.58 -12.61 40.55
N GLN C 11 21.77 -11.77 39.93
CA GLN C 11 21.82 -11.60 38.46
C GLN C 11 23.22 -11.11 38.06
N ALA C 12 23.79 -10.16 38.80
CA ALA C 12 25.09 -9.58 38.37
C ALA C 12 26.19 -10.66 38.38
N ARG C 13 26.12 -11.61 39.31
CA ARG C 13 27.13 -12.72 39.34
C ARG C 13 27.05 -13.49 38.02
N LYS C 14 25.85 -13.76 37.52
CA LYS C 14 25.69 -14.44 36.21
C LYS C 14 26.27 -13.56 35.12
N LEU C 15 25.92 -12.27 35.12
CA LEU C 15 26.41 -11.33 34.08
C LEU C 15 27.93 -11.32 34.14
N VAL C 16 28.51 -11.66 35.30
CA VAL C 16 29.99 -11.74 35.41
C VAL C 16 30.45 -13.09 34.85
N GLU C 17 29.84 -14.19 35.31
CA GLU C 17 30.18 -15.54 34.79
C GLU C 17 30.15 -15.53 33.26
N GLN C 18 29.06 -15.02 32.66
CA GLN C 18 28.93 -14.95 31.20
C GLN C 18 30.12 -14.22 30.55
N LEU C 19 30.52 -13.06 31.08
CA LEU C 19 31.70 -12.36 30.58
C LEU C 19 32.99 -13.19 30.80
N LYS C 20 33.06 -14.01 31.85
CA LYS C 20 34.14 -14.97 32.04
C LYS C 20 34.19 -16.02 30.91
N MET C 21 33.03 -16.57 30.51
CA MET C 21 32.96 -17.48 29.37
C MET C 21 33.35 -16.81 28.05
N GLU C 22 32.74 -15.65 27.80
CA GLU C 22 32.99 -14.92 26.53
C GLU C 22 34.42 -14.37 26.47
N ALA C 23 35.19 -14.48 27.55
CA ALA C 23 36.60 -14.05 27.52
C ALA C 23 37.48 -15.29 27.42
N ASN C 24 37.10 -16.38 28.09
CA ASN C 24 37.79 -17.67 27.97
C ASN C 24 37.95 -18.19 26.53
N ILE C 25 37.21 -17.62 25.58
CA ILE C 25 37.23 -18.10 24.15
C ILE C 25 38.61 -17.86 23.52
N ASP C 26 38.94 -18.60 22.44
CA ASP C 26 40.23 -18.44 21.72
C ASP C 26 40.00 -17.74 20.39
N ARG C 27 40.52 -16.52 20.22
CA ARG C 27 40.22 -15.74 18.98
C ARG C 27 41.40 -15.77 18.02
N ILE C 28 41.12 -15.72 16.71
CA ILE C 28 42.19 -15.72 15.68
C ILE C 28 42.30 -14.30 15.11
N LYS C 29 43.35 -14.02 14.33
CA LYS C 29 43.57 -12.65 13.81
C LYS C 29 42.61 -12.39 12.65
N VAL C 30 42.02 -11.20 12.57
CA VAL C 30 40.99 -10.92 11.56
C VAL C 30 41.49 -11.06 10.12
N SER C 31 42.79 -10.89 9.84
CA SER C 31 43.33 -11.19 8.52
C SER C 31 43.07 -12.64 8.08
N LYS C 32 43.16 -13.61 9.01
CA LYS C 32 42.84 -15.03 8.74
C LYS C 32 41.34 -15.23 8.54
N ALA C 33 40.52 -14.67 9.40
CA ALA C 33 39.06 -14.71 9.27
C ALA C 33 38.58 -14.15 7.92
N ALA C 34 39.08 -12.97 7.54
CA ALA C 34 38.80 -12.34 6.26
C ALA C 34 39.25 -13.20 5.07
N ALA C 35 40.48 -13.71 5.10
CA ALA C 35 41.00 -14.55 4.03
C ALA C 35 40.16 -15.81 3.80
N ASP C 36 39.56 -16.39 4.84
CA ASP C 36 38.65 -17.53 4.68
C ASP C 36 37.36 -17.19 3.93
N LEU C 37 36.71 -16.06 4.22
CA LEU C 37 35.49 -15.69 3.49
C LEU C 37 35.78 -15.40 2.02
N MET C 38 36.91 -14.74 1.76
CA MET C 38 37.40 -14.50 0.40
C MET C 38 37.70 -15.80 -0.34
N ALA C 39 38.43 -16.74 0.29
CA ALA C 39 38.72 -18.04 -0.29
C ALA C 39 37.45 -18.87 -0.52
N TYR C 40 36.47 -18.82 0.38
CA TYR C 40 35.20 -19.52 0.20
C TYR C 40 34.45 -18.99 -1.02
N CYS C 41 34.34 -17.68 -1.18
CA CYS C 41 33.55 -17.13 -2.29
C CYS C 41 34.24 -17.49 -3.62
N GLU C 42 35.57 -17.44 -3.71
CA GLU C 42 36.27 -17.87 -4.93
C GLU C 42 36.07 -19.35 -5.24
N ALA C 43 36.10 -20.23 -4.24
CA ALA C 43 35.86 -21.66 -4.42
C ALA C 43 34.42 -21.98 -4.88
N HIS C 44 33.45 -21.13 -4.54
CA HIS C 44 32.02 -21.30 -4.87
C HIS C 44 31.50 -20.28 -5.88
N ALA C 45 32.38 -19.58 -6.61
CA ALA C 45 31.99 -18.52 -7.53
C ALA C 45 31.20 -19.05 -8.75
N LYS C 46 31.77 -20.02 -9.47
CA LYS C 46 31.16 -20.58 -10.68
C LYS C 46 29.79 -21.23 -10.44
N GLU C 47 29.55 -21.73 -9.23
CA GLU C 47 28.31 -22.36 -8.80
C GLU C 47 27.22 -21.40 -8.31
N ASP C 48 27.34 -20.07 -8.55
CA ASP C 48 26.36 -19.07 -8.08
C ASP C 48 25.69 -18.30 -9.24
N PRO C 49 24.49 -18.75 -9.68
CA PRO C 49 23.75 -18.14 -10.78
C PRO C 49 23.31 -16.69 -10.59
N LEU C 50 23.28 -16.14 -9.36
CA LEU C 50 22.92 -14.73 -9.16
C LEU C 50 24.06 -13.78 -9.56
N LEU C 51 25.30 -14.15 -9.28
CA LEU C 51 26.43 -13.21 -9.54
C LEU C 51 26.69 -13.14 -11.05
N THR C 52 26.43 -14.23 -11.79
CA THR C 52 26.50 -14.23 -13.26
C THR C 52 25.35 -15.09 -13.80
N PRO C 53 24.39 -14.53 -14.56
CA PRO C 53 23.17 -15.23 -14.95
C PRO C 53 23.44 -16.41 -15.89
N VAL C 54 22.75 -17.54 -15.64
CA VAL C 54 22.70 -18.71 -16.54
C VAL C 54 21.87 -18.40 -17.81
N PRO C 55 22.18 -19.01 -18.96
CA PRO C 55 21.46 -18.78 -20.21
C PRO C 55 19.99 -19.22 -20.13
N ALA C 56 19.12 -18.60 -20.91
CA ALA C 56 17.67 -18.80 -20.85
C ALA C 56 17.22 -20.26 -21.11
N SER C 57 18.04 -21.06 -21.77
CA SER C 57 17.81 -22.51 -21.93
C SER C 57 17.94 -23.27 -20.60
N GLU C 58 18.92 -22.90 -19.77
CA GLU C 58 19.17 -23.51 -18.46
C GLU C 58 18.32 -22.90 -17.34
N ASN C 59 17.95 -21.62 -17.46
CA ASN C 59 17.17 -20.89 -16.43
C ASN C 59 15.75 -21.45 -16.31
N PRO C 60 15.34 -22.01 -15.15
CA PRO C 60 14.02 -22.59 -14.99
C PRO C 60 12.87 -21.57 -14.98
N PHE C 61 13.18 -20.30 -14.81
CA PHE C 61 12.12 -19.26 -14.72
C PHE C 61 12.07 -18.49 -16.05
N ARG C 62 12.50 -19.11 -17.14
CA ARG C 62 12.44 -18.49 -18.49
C ARG C 62 13.51 -17.41 -18.61
N ASP D 1 -28.77 23.35 -53.11
CA ASP D 1 -27.51 23.83 -52.48
C ASP D 1 -27.20 23.04 -51.21
N TYS D 2 -26.00 23.24 -50.66
CA TYS D 2 -25.61 22.57 -49.38
CB TYS D 2 -24.13 22.85 -49.11
CG TYS D 2 -23.43 21.83 -48.24
CD1 TYS D 2 -22.73 20.78 -48.82
CD2 TYS D 2 -23.46 21.91 -46.86
CE1 TYS D 2 -22.06 19.85 -48.04
CE2 TYS D 2 -22.81 20.99 -46.07
CZ TYS D 2 -22.13 19.97 -46.68
OH TYS D 2 -21.45 19.00 -45.87
S TYS D 2 -22.20 18.16 -44.74
O1 TYS D 2 -22.64 16.97 -45.41
O2 TYS D 2 -21.15 17.95 -43.77
O3 TYS D 2 -23.27 19.00 -44.28
C TYS D 2 -26.48 23.12 -48.23
O TYS D 2 -26.33 24.30 -47.87
N MET D 3 -27.36 22.27 -47.68
CA MET D 3 -28.25 22.70 -46.56
C MET D 3 -28.32 21.59 -45.50
N GLY D 4 -28.88 21.88 -44.32
CA GLY D 4 -28.93 20.89 -43.23
C GLY D 4 -27.57 20.63 -42.60
N TRP D 5 -27.48 19.63 -41.72
CA TRP D 5 -26.20 19.32 -41.03
C TRP D 5 -26.21 17.86 -40.55
N MET D 6 -25.04 17.25 -40.38
CA MET D 6 -25.00 15.89 -39.78
C MET D 6 -25.52 16.04 -38.34
N ASP D 7 -25.82 14.96 -37.62
CA ASP D 7 -26.40 15.19 -36.28
C ASP D 7 -25.42 15.73 -35.23
N PHE D 8 -24.18 15.25 -35.26
CA PHE D 8 -23.10 15.70 -34.38
C PHE D 8 -21.93 16.30 -35.16
N NH2 D 9 -22.18 16.80 -36.36
N GLU E 37 -13.95 36.48 -46.54
CA GLU E 37 -13.12 35.35 -46.11
C GLU E 37 -12.79 35.36 -44.60
N TRP E 38 -13.14 36.43 -43.88
CA TRP E 38 -12.83 36.60 -42.46
C TRP E 38 -13.49 35.54 -41.57
N GLN E 39 -14.79 35.27 -41.75
CA GLN E 39 -15.51 34.24 -41.00
C GLN E 39 -14.91 32.83 -41.21
N PRO E 40 -14.64 32.37 -42.46
CA PRO E 40 -13.85 31.15 -42.69
C PRO E 40 -12.47 31.16 -42.02
N ALA E 41 -11.70 32.24 -42.10
CA ALA E 41 -10.37 32.34 -41.48
C ALA E 41 -10.43 32.20 -39.95
N VAL E 42 -11.41 32.83 -39.30
CA VAL E 42 -11.67 32.65 -37.86
C VAL E 42 -12.11 31.21 -37.56
N GLN E 43 -13.01 30.64 -38.35
CA GLN E 43 -13.54 29.30 -38.16
C GLN E 43 -12.44 28.23 -38.23
N ILE E 44 -11.51 28.29 -39.19
CA ILE E 44 -10.35 27.38 -39.22
C ILE E 44 -9.39 27.60 -38.05
N LEU E 45 -9.15 28.84 -37.63
CA LEU E 45 -8.30 29.13 -36.47
C LEU E 45 -8.89 28.51 -35.19
N LEU E 46 -10.17 28.75 -34.93
CA LEU E 46 -10.88 28.20 -33.77
C LEU E 46 -10.88 26.67 -33.78
N TYR E 47 -11.33 26.04 -34.86
CA TYR E 47 -11.38 24.57 -34.92
C TYR E 47 -9.99 23.96 -34.77
N SER E 48 -8.99 24.44 -35.49
CA SER E 48 -7.63 23.87 -35.41
C SER E 48 -7.04 24.03 -34.00
N LEU E 49 -7.25 25.18 -33.33
CA LEU E 49 -6.80 25.37 -31.96
C LEU E 49 -7.49 24.40 -30.98
N ILE E 50 -8.82 24.37 -30.98
CA ILE E 50 -9.58 23.50 -30.07
C ILE E 50 -9.29 22.01 -30.32
N PHE E 51 -9.08 21.63 -31.58
CA PHE E 51 -8.60 20.30 -31.95
C PHE E 51 -7.24 19.99 -31.34
N LEU E 52 -6.23 20.83 -31.59
CA LEU E 52 -4.88 20.63 -31.07
C LEU E 52 -4.87 20.52 -29.53
N LEU E 53 -5.59 21.41 -28.85
CA LEU E 53 -5.71 21.38 -27.39
C LEU E 53 -6.44 20.12 -26.92
N SER E 54 -7.56 19.72 -27.53
CA SER E 54 -8.27 18.51 -27.11
C SER E 54 -7.48 17.22 -27.40
N VAL E 55 -6.74 17.14 -28.51
CA VAL E 55 -5.79 16.04 -28.73
C VAL E 55 -4.72 16.04 -27.64
N LEU E 56 -4.03 17.17 -27.42
CA LEU E 56 -2.93 17.27 -26.47
C LEU E 56 -3.39 16.93 -25.04
N GLY E 57 -4.47 17.55 -24.57
CA GLY E 57 -5.00 17.33 -23.23
C GLY E 57 -5.40 15.88 -22.98
N ASN E 58 -6.23 15.29 -23.86
CA ASN E 58 -6.65 13.91 -23.69
C ASN E 58 -5.47 12.94 -23.80
N THR E 59 -4.57 13.11 -24.77
CA THR E 59 -3.39 12.23 -24.90
C THR E 59 -2.44 12.36 -23.72
N LEU E 60 -2.26 13.54 -23.11
CA LEU E 60 -1.49 13.67 -21.88
C LEU E 60 -2.15 12.95 -20.71
N VAL E 61 -3.46 13.12 -20.49
CA VAL E 61 -4.20 12.40 -19.44
C VAL E 61 -4.10 10.89 -19.64
N ILE E 62 -4.26 10.41 -20.87
CA ILE E 62 -4.07 9.01 -21.23
C ILE E 62 -2.64 8.56 -20.91
N THR E 63 -1.66 9.38 -21.26
CA THR E 63 -0.24 9.04 -21.02
C THR E 63 0.04 8.96 -19.51
N VAL E 64 -0.19 10.04 -18.78
CA VAL E 64 0.21 10.06 -17.33
C VAL E 64 -0.58 9.06 -16.49
N LEU E 65 -1.77 8.64 -16.95
CA LEU E 65 -2.62 7.76 -16.11
C LEU E 65 -2.31 6.30 -16.42
N ILE E 66 -1.60 6.05 -17.52
CA ILE E 66 -1.21 4.66 -17.89
C ILE E 66 0.18 4.37 -17.29
N ARG E 67 1.05 5.37 -17.29
CA ARG E 67 2.42 5.19 -16.77
C ARG E 67 2.40 5.10 -15.23
N ASN E 68 1.65 5.95 -14.54
CA ASN E 68 1.70 5.97 -13.04
C ASN E 68 0.73 4.97 -12.41
N LYS E 69 1.22 3.80 -12.00
CA LYS E 69 0.34 2.76 -11.39
C LYS E 69 -0.30 3.29 -10.11
N ARG E 70 0.43 4.11 -9.35
CA ARG E 70 -0.12 4.72 -8.12
C ARG E 70 -1.46 5.36 -8.46
N MET E 71 -1.49 6.14 -9.54
CA MET E 71 -2.74 6.85 -9.94
C MET E 71 -3.67 5.85 -10.64
N ARG E 72 -4.12 4.82 -9.92
CA ARG E 72 -5.10 3.87 -10.52
C ARG E 72 -6.26 3.70 -9.55
N THR E 73 -7.11 4.71 -9.45
CA THR E 73 -8.25 4.66 -8.48
C THR E 73 -9.58 4.68 -9.23
N VAL E 74 -10.58 4.03 -8.67
CA VAL E 74 -11.96 4.04 -9.24
C VAL E 74 -12.20 5.30 -10.09
N THR E 75 -11.97 6.49 -9.55
CA THR E 75 -12.15 7.74 -10.32
C THR E 75 -11.23 7.80 -11.53
N ASN E 76 -9.95 7.45 -11.41
CA ASN E 76 -9.01 7.56 -12.53
C ASN E 76 -9.27 6.54 -13.65
N ILE E 77 -9.92 5.41 -13.36
CA ILE E 77 -10.45 4.49 -14.39
C ILE E 77 -11.49 5.21 -15.26
N PHE E 78 -12.46 5.89 -14.65
CA PHE E 78 -13.42 6.70 -15.40
C PHE E 78 -12.76 7.88 -16.13
N LEU E 79 -11.76 8.54 -15.55
CA LEU E 79 -11.06 9.63 -16.25
C LEU E 79 -10.28 9.14 -17.46
N LEU E 80 -9.64 7.97 -17.38
CA LEU E 80 -8.95 7.37 -18.52
C LEU E 80 -9.94 7.00 -19.63
N SER E 81 -11.04 6.32 -19.30
CA SER E 81 -12.12 6.03 -20.25
C SER E 81 -12.68 7.30 -20.89
N LEU E 82 -12.96 8.32 -20.08
CA LEU E 82 -13.47 9.59 -20.55
C LEU E 82 -12.49 10.23 -21.54
N ALA E 83 -11.21 10.32 -21.18
CA ALA E 83 -10.21 10.93 -22.05
C ALA E 83 -10.09 10.19 -23.40
N VAL E 84 -10.19 8.86 -23.42
CA VAL E 84 -10.23 8.10 -24.67
C VAL E 84 -11.48 8.46 -25.48
N SER E 85 -12.66 8.47 -24.86
CA SER E 85 -13.89 8.82 -25.57
C SER E 85 -13.88 10.27 -26.08
N ASP E 86 -13.31 11.22 -25.33
CA ASP E 86 -13.09 12.59 -25.76
C ASP E 86 -12.04 12.71 -26.88
N LEU E 87 -11.00 11.86 -26.88
CA LEU E 87 -10.04 11.83 -27.98
C LEU E 87 -10.69 11.33 -29.28
N MET E 88 -11.49 10.26 -29.23
CA MET E 88 -12.30 9.85 -30.38
C MET E 88 -13.21 10.98 -30.86
N LEU E 89 -13.91 11.64 -29.95
CA LEU E 89 -14.83 12.73 -30.27
C LEU E 89 -14.09 13.86 -31.00
N CYS E 90 -12.92 14.24 -30.50
CA CYS E 90 -12.05 15.22 -31.14
C CYS E 90 -11.64 14.81 -32.57
N LEU E 91 -11.09 13.60 -32.73
CA LEU E 91 -10.58 13.12 -34.02
C LEU E 91 -11.69 12.90 -35.06
N PHE E 92 -12.83 12.34 -34.68
CA PHE E 92 -13.88 11.94 -35.61
C PHE E 92 -14.99 12.98 -35.82
N CYS E 93 -15.22 13.91 -34.88
CA CYS E 93 -16.17 15.00 -35.11
C CYS E 93 -15.53 16.22 -35.77
N MET E 94 -14.49 16.79 -35.16
CA MET E 94 -14.03 18.15 -35.49
C MET E 94 -13.62 18.32 -36.98
N PRO E 95 -12.59 17.63 -37.51
CA PRO E 95 -12.14 17.88 -38.88
C PRO E 95 -13.19 17.48 -39.93
N PHE E 96 -13.92 16.39 -39.70
CA PHE E 96 -14.94 15.88 -40.62
C PHE E 96 -16.23 16.70 -40.65
N ASN E 97 -16.48 17.58 -39.67
CA ASN E 97 -17.52 18.62 -39.78
C ASN E 97 -16.99 19.92 -40.39
N LEU E 98 -15.74 20.29 -40.09
CA LEU E 98 -15.09 21.48 -40.64
C LEU E 98 -14.91 21.40 -42.16
N ILE E 99 -14.21 20.38 -42.66
CA ILE E 99 -13.78 20.32 -44.06
C ILE E 99 -14.97 20.40 -45.04
N PRO E 100 -16.07 19.64 -44.88
CA PRO E 100 -17.24 19.81 -45.74
C PRO E 100 -17.88 21.18 -45.64
N ASN E 101 -17.94 21.79 -44.45
CA ASN E 101 -18.51 23.13 -44.26
C ASN E 101 -17.65 24.22 -44.93
N LEU E 102 -16.31 24.04 -45.01
CA LEU E 102 -15.41 24.90 -45.80
C LEU E 102 -15.58 24.70 -47.31
N LEU E 103 -15.52 23.45 -47.78
CA LEU E 103 -15.60 23.12 -49.21
C LEU E 103 -17.02 23.27 -49.78
N LYS E 104 -18.04 23.30 -48.93
CA LYS E 104 -19.47 23.35 -49.27
C LYS E 104 -19.95 22.13 -50.09
N ASP E 105 -19.20 21.04 -50.03
CA ASP E 105 -19.64 19.69 -50.42
C ASP E 105 -18.83 18.65 -49.63
N PHE E 106 -19.42 17.46 -49.44
CA PHE E 106 -18.81 16.37 -48.69
C PHE E 106 -17.75 15.65 -49.55
N ILE E 107 -16.47 15.97 -49.32
CA ILE E 107 -15.35 15.52 -50.17
C ILE E 107 -15.04 14.02 -50.06
N PHE E 108 -15.32 13.41 -48.90
CA PHE E 108 -14.99 12.02 -48.61
C PHE E 108 -16.02 11.02 -49.20
N GLY E 109 -15.68 9.73 -49.23
CA GLY E 109 -16.56 8.67 -49.74
C GLY E 109 -17.73 8.29 -48.82
N SER E 110 -18.68 7.51 -49.33
CA SER E 110 -19.82 7.01 -48.54
C SER E 110 -19.38 6.17 -47.32
N ALA E 111 -18.33 5.37 -47.44
CA ALA E 111 -17.76 4.62 -46.31
C ALA E 111 -17.26 5.55 -45.19
N VAL E 112 -16.67 6.70 -45.52
CA VAL E 112 -16.22 7.71 -44.56
C VAL E 112 -17.42 8.42 -43.91
N CYS E 113 -18.43 8.78 -44.72
CA CYS E 113 -19.68 9.36 -44.15
C CYS E 113 -20.32 8.37 -43.17
N LYS E 114 -20.40 7.08 -43.49
CA LYS E 114 -20.90 6.05 -42.57
C LYS E 114 -20.05 5.90 -41.30
N THR E 115 -18.74 5.73 -41.47
CA THR E 115 -17.82 5.45 -40.35
C THR E 115 -17.72 6.62 -39.38
N THR E 116 -17.54 7.85 -39.89
CA THR E 116 -17.51 9.05 -39.04
C THR E 116 -18.83 9.18 -38.30
N THR E 117 -19.98 9.09 -38.99
CA THR E 117 -21.28 9.26 -38.31
C THR E 117 -21.46 8.24 -37.17
N TYR E 118 -20.96 7.02 -37.31
CA TYR E 118 -20.97 6.05 -36.21
C TYR E 118 -20.13 6.48 -35.01
N PHE E 119 -18.87 6.89 -35.23
CA PHE E 119 -17.96 7.26 -34.16
C PHE E 119 -18.32 8.60 -33.49
N MET E 120 -18.91 9.54 -34.22
CA MET E 120 -19.42 10.79 -33.64
C MET E 120 -20.45 10.46 -32.56
N GLY E 121 -21.57 9.83 -32.90
CA GLY E 121 -22.59 9.45 -31.92
C GLY E 121 -22.06 8.54 -30.81
N THR E 122 -21.19 7.59 -31.15
CA THR E 122 -20.59 6.68 -30.16
C THR E 122 -19.77 7.42 -29.11
N SER E 123 -18.84 8.28 -29.53
CA SER E 123 -17.97 9.02 -28.62
C SER E 123 -18.75 10.03 -27.80
N VAL E 124 -19.72 10.71 -28.42
CA VAL E 124 -20.65 11.67 -27.73
C VAL E 124 -21.44 10.91 -26.68
N SER E 125 -21.88 9.69 -26.94
CA SER E 125 -22.73 8.89 -26.02
C SER E 125 -21.91 8.36 -24.84
N VAL E 126 -20.74 7.78 -25.10
CA VAL E 126 -19.90 7.20 -24.02
C VAL E 126 -19.53 8.31 -23.05
N SER E 127 -19.09 9.47 -23.55
CA SER E 127 -18.69 10.63 -22.71
C SER E 127 -19.84 11.00 -21.77
N THR E 128 -21.06 11.19 -22.26
CA THR E 128 -22.21 11.66 -21.45
C THR E 128 -22.59 10.67 -20.35
N LEU E 129 -22.21 9.40 -20.46
CA LEU E 129 -22.51 8.38 -19.41
C LEU E 129 -21.27 8.19 -18.52
N ASN E 130 -20.10 8.63 -18.98
CA ASN E 130 -18.86 8.63 -18.17
C ASN E 130 -18.88 9.87 -17.26
N LEU E 131 -19.58 10.94 -17.65
CA LEU E 131 -19.71 12.18 -16.84
C LEU E 131 -20.83 11.97 -15.82
N VAL E 132 -21.83 11.16 -16.13
CA VAL E 132 -22.91 10.81 -15.17
C VAL E 132 -22.40 9.69 -14.29
N ALA E 133 -21.36 8.96 -14.71
CA ALA E 133 -20.79 7.86 -13.93
C ALA E 133 -19.90 8.46 -12.85
N ILE E 134 -19.14 9.50 -13.18
CA ILE E 134 -18.21 10.17 -12.24
C ILE E 134 -19.04 10.92 -11.19
N ALA E 135 -20.15 11.53 -11.58
CA ALA E 135 -20.99 12.24 -10.60
C ALA E 135 -21.68 11.31 -9.61
N LEU E 136 -22.11 10.12 -10.00
CA LEU E 136 -22.85 9.21 -9.08
C LEU E 136 -21.87 8.43 -8.20
N GLU E 137 -20.65 8.20 -8.67
CA GLU E 137 -19.57 7.55 -7.88
C GLU E 137 -19.13 8.54 -6.80
N ARG E 138 -18.81 9.77 -7.19
CA ARG E 138 -18.40 10.84 -6.27
C ARG E 138 -19.49 11.04 -5.21
N TYR E 139 -20.76 10.86 -5.54
CA TYR E 139 -21.87 11.12 -4.62
C TYR E 139 -21.96 10.01 -3.58
N SER E 140 -21.67 8.78 -3.97
CA SER E 140 -21.66 7.61 -3.05
C SER E 140 -20.49 7.74 -2.08
N ALA E 141 -19.31 8.07 -2.59
CA ALA E 141 -18.10 8.24 -1.77
C ALA E 141 -18.30 9.39 -0.78
N ILE E 142 -18.87 10.52 -1.18
CA ILE E 142 -18.90 11.72 -0.31
C ILE E 142 -20.15 11.78 0.58
N CYS E 143 -21.28 11.19 0.20
CA CYS E 143 -22.55 11.36 0.97
C CYS E 143 -22.92 10.09 1.70
N LYS E 144 -22.34 8.96 1.32
CA LYS E 144 -22.56 7.66 1.99
C LYS E 144 -21.20 6.97 2.00
N PRO E 145 -20.24 7.43 2.83
CA PRO E 145 -18.88 6.89 2.79
C PRO E 145 -18.74 5.41 3.24
N LEU E 146 -19.51 4.93 4.23
CA LEU E 146 -19.33 3.55 4.72
C LEU E 146 -20.05 2.55 3.81
N GLN E 147 -21.31 2.80 3.49
CA GLN E 147 -22.15 1.91 2.68
C GLN E 147 -21.50 1.64 1.33
N SER E 148 -20.83 2.61 0.72
CA SER E 148 -20.21 2.45 -0.61
C SER E 148 -18.98 1.52 -0.55
N ARG E 149 -18.37 1.30 0.62
CA ARG E 149 -17.24 0.36 0.72
C ARG E 149 -17.59 -1.06 0.29
N VAL E 150 -18.86 -1.43 0.40
CA VAL E 150 -19.37 -2.75 0.02
C VAL E 150 -19.13 -3.01 -1.47
N TRP E 151 -19.39 -2.02 -2.34
CA TRP E 151 -19.32 -2.23 -3.83
C TRP E 151 -18.27 -1.37 -4.53
N GLN E 152 -17.94 -0.17 -4.08
CA GLN E 152 -17.01 0.75 -4.80
C GLN E 152 -15.62 0.13 -4.88
N THR E 153 -15.35 -0.59 -5.97
CA THR E 153 -14.09 -1.31 -6.18
C THR E 153 -13.61 -1.09 -7.62
N LYS E 154 -12.33 -1.34 -7.88
CA LYS E 154 -11.76 -1.25 -9.24
C LYS E 154 -12.44 -2.23 -10.21
N SER E 155 -12.83 -3.41 -9.75
CA SER E 155 -13.61 -4.35 -10.56
C SER E 155 -15.00 -3.81 -10.91
N HIS E 156 -15.75 -3.25 -9.96
CA HIS E 156 -17.04 -2.59 -10.23
C HIS E 156 -16.91 -1.46 -11.24
N ALA E 157 -15.86 -0.62 -11.12
CA ALA E 157 -15.60 0.43 -12.10
C ALA E 157 -15.46 -0.17 -13.51
N LEU E 158 -14.65 -1.21 -13.68
CA LEU E 158 -14.45 -1.87 -14.98
C LEU E 158 -15.73 -2.54 -15.51
N LYS E 159 -16.64 -3.05 -14.66
CA LYS E 159 -17.98 -3.48 -15.13
C LYS E 159 -18.73 -2.33 -15.80
N VAL E 160 -18.77 -1.16 -15.14
CA VAL E 160 -19.50 0.01 -15.65
C VAL E 160 -18.84 0.58 -16.92
N ILE E 161 -17.51 0.59 -17.00
CA ILE E 161 -16.80 0.96 -18.24
C ILE E 161 -17.23 0.05 -19.38
N ALA E 162 -17.08 -1.27 -19.23
CA ALA E 162 -17.41 -2.24 -20.28
C ALA E 162 -18.88 -2.14 -20.72
N ALA E 163 -19.82 -2.09 -19.78
CA ALA E 163 -21.24 -1.92 -20.09
C ALA E 163 -21.52 -0.62 -20.87
N THR E 164 -20.80 0.47 -20.56
CA THR E 164 -21.05 1.79 -21.19
C THR E 164 -20.57 1.78 -22.65
N TRP E 165 -19.37 1.25 -22.92
CA TRP E 165 -18.86 1.17 -24.28
C TRP E 165 -19.71 0.25 -25.15
N CYS E 166 -20.05 -0.95 -24.65
CA CYS E 166 -20.87 -1.91 -25.39
C CYS E 166 -22.26 -1.36 -25.71
N LEU E 167 -22.90 -0.66 -24.77
CA LEU E 167 -24.27 -0.13 -24.99
C LEU E 167 -24.23 1.09 -25.90
N SER E 168 -23.08 1.75 -26.06
CA SER E 168 -22.90 2.94 -26.94
C SER E 168 -22.71 2.45 -28.37
N PHE E 169 -21.79 1.50 -28.56
CA PHE E 169 -21.62 0.85 -29.87
C PHE E 169 -22.92 0.20 -30.36
N THR E 170 -23.72 -0.38 -29.46
CA THR E 170 -25.01 -0.98 -29.79
C THR E 170 -26.01 0.05 -30.32
N ILE E 171 -26.42 1.03 -29.50
CA ILE E 171 -27.52 1.93 -29.86
C ILE E 171 -27.20 2.88 -31.03
N MET E 172 -25.93 3.18 -31.29
CA MET E 172 -25.51 4.05 -32.40
C MET E 172 -25.50 3.36 -33.78
N THR E 173 -25.82 2.07 -33.86
CA THR E 173 -25.80 1.26 -35.11
C THR E 173 -26.64 1.81 -36.28
N PRO E 174 -27.77 2.53 -36.09
CA PRO E 174 -28.47 3.16 -37.21
C PRO E 174 -27.62 4.15 -38.01
N TYR E 175 -26.61 4.78 -37.42
CA TYR E 175 -25.82 5.80 -38.10
C TYR E 175 -25.05 5.33 -39.33
N PRO E 176 -24.21 4.27 -39.30
CA PRO E 176 -23.58 3.75 -40.51
C PRO E 176 -24.58 3.08 -41.48
N ILE E 177 -25.77 2.68 -41.01
CA ILE E 177 -26.84 2.16 -41.88
C ILE E 177 -27.43 3.28 -42.74
N TYR E 178 -28.18 4.21 -42.13
CA TYR E 178 -28.94 5.22 -42.91
C TYR E 178 -28.23 6.57 -43.09
N SER E 179 -26.91 6.58 -43.25
CA SER E 179 -26.21 7.85 -43.49
C SER E 179 -25.49 7.79 -44.85
N ASN E 180 -26.14 8.24 -45.94
CA ASN E 180 -25.50 8.05 -47.28
C ASN E 180 -25.42 9.36 -48.07
N LEU E 181 -24.28 9.63 -48.70
CA LEU E 181 -24.15 10.79 -49.58
C LEU E 181 -25.45 11.07 -50.33
N VAL E 182 -25.85 12.36 -50.33
CA VAL E 182 -27.03 12.82 -51.11
C VAL E 182 -26.46 13.80 -52.15
N PRO E 183 -26.74 13.63 -53.45
CA PRO E 183 -26.12 14.42 -54.52
C PRO E 183 -26.84 15.73 -54.83
N PHE E 184 -26.10 16.68 -55.38
CA PHE E 184 -26.56 17.90 -56.04
C PHE E 184 -25.49 18.40 -57.04
N THR E 185 -25.67 19.57 -57.65
CA THR E 185 -24.65 20.21 -58.50
C THR E 185 -24.41 21.66 -58.12
N LYS E 186 -23.13 22.07 -58.13
CA LYS E 186 -22.69 23.46 -57.92
C LYS E 186 -22.89 24.33 -59.16
N ASN E 187 -22.81 25.64 -59.00
CA ASN E 187 -22.92 26.64 -60.08
C ASN E 187 -21.82 26.48 -61.17
N ASN E 188 -20.65 25.93 -60.82
CA ASN E 188 -19.59 25.54 -61.77
C ASN E 188 -19.90 24.26 -62.58
N ASN E 189 -21.12 23.71 -62.48
CA ASN E 189 -21.55 22.41 -63.01
C ASN E 189 -20.78 21.18 -62.46
N GLN E 190 -19.99 21.36 -61.40
CA GLN E 190 -19.39 20.25 -60.65
C GLN E 190 -20.47 19.46 -59.90
N THR E 191 -20.40 18.13 -59.95
CA THR E 191 -21.20 17.27 -59.06
C THR E 191 -20.75 17.45 -57.61
N ALA E 192 -21.68 17.41 -56.67
CA ALA E 192 -21.47 17.70 -55.26
C ALA E 192 -22.36 16.81 -54.39
N ASN E 193 -22.01 16.66 -53.12
CA ASN E 193 -22.73 15.79 -52.17
C ASN E 193 -22.84 16.42 -50.79
N MET E 194 -23.73 15.86 -49.97
CA MET E 194 -23.88 16.32 -48.57
C MET E 194 -24.24 15.10 -47.71
N CYS E 195 -23.32 14.64 -46.85
CA CYS E 195 -23.58 13.44 -45.99
C CYS E 195 -24.76 13.73 -45.05
N ARG E 196 -25.78 12.86 -45.01
CA ARG E 196 -26.99 13.13 -44.21
C ARG E 196 -27.50 11.83 -43.58
N PHE E 197 -28.56 11.88 -42.74
CA PHE E 197 -29.08 10.68 -42.03
C PHE E 197 -30.61 10.70 -42.09
N LEU E 198 -31.25 9.57 -42.39
CA LEU E 198 -32.73 9.61 -42.60
C LEU E 198 -33.45 8.30 -42.26
N LEU E 199 -34.07 8.18 -41.08
CA LEU E 199 -34.90 6.99 -40.84
C LEU E 199 -36.01 6.90 -41.90
N PRO E 200 -36.64 5.72 -42.12
CA PRO E 200 -37.54 5.52 -43.27
C PRO E 200 -38.81 6.39 -43.33
N ASN E 201 -39.23 7.02 -42.22
CA ASN E 201 -40.31 8.01 -42.20
C ASN E 201 -40.10 9.10 -41.14
N ASP E 202 -40.84 10.20 -41.26
CA ASP E 202 -40.72 11.39 -40.42
C ASP E 202 -41.05 11.13 -38.93
N VAL E 203 -41.98 10.22 -38.64
CA VAL E 203 -42.33 9.84 -37.26
C VAL E 203 -41.17 9.11 -36.59
N MET E 204 -40.52 8.18 -37.29
CA MET E 204 -39.27 7.56 -36.83
C MET E 204 -38.16 8.61 -36.68
N GLN E 205 -38.04 9.55 -37.62
CA GLN E 205 -37.04 10.64 -37.52
C GLN E 205 -37.26 11.48 -36.24
N GLN E 206 -38.47 11.96 -35.99
CA GLN E 206 -38.80 12.77 -34.81
C GLN E 206 -38.67 12.00 -33.49
N SER E 207 -39.21 10.78 -33.41
CA SER E 207 -39.11 9.97 -32.20
C SER E 207 -37.64 9.62 -31.89
N TRP E 208 -36.82 9.32 -32.89
CA TRP E 208 -35.38 9.10 -32.70
C TRP E 208 -34.67 10.33 -32.14
N HIS E 209 -34.84 11.51 -32.76
CA HIS E 209 -34.22 12.74 -32.27
C HIS E 209 -34.71 13.12 -30.87
N THR E 210 -35.94 12.76 -30.53
CA THR E 210 -36.49 13.03 -29.19
C THR E 210 -35.80 12.09 -28.20
N PHE E 211 -35.51 10.85 -28.59
CA PHE E 211 -34.92 9.83 -27.68
C PHE E 211 -33.47 10.21 -27.35
N LEU E 212 -32.67 10.56 -28.35
CA LEU E 212 -31.24 10.89 -28.16
C LEU E 212 -31.09 12.15 -27.30
N LEU E 213 -31.97 13.14 -27.44
CA LEU E 213 -31.84 14.43 -26.71
C LEU E 213 -32.47 14.29 -25.32
N LEU E 214 -33.12 13.16 -25.01
CA LEU E 214 -33.71 12.92 -23.68
C LEU E 214 -32.94 11.79 -22.97
N LEU E 215 -31.97 11.15 -23.62
CA LEU E 215 -31.16 10.05 -23.01
C LEU E 215 -29.67 10.24 -23.28
N LEU E 216 -29.26 11.34 -23.92
CA LEU E 216 -27.82 11.64 -24.13
C LEU E 216 -27.59 13.12 -23.84
N PHE E 217 -28.54 13.78 -23.18
CA PHE E 217 -28.38 15.20 -22.78
C PHE E 217 -29.30 15.57 -21.61
N PHE E 218 -30.61 15.48 -21.75
CA PHE E 218 -31.54 15.96 -20.69
C PHE E 218 -31.23 15.27 -19.35
N ILE E 219 -31.64 14.00 -19.18
CA ILE E 219 -31.47 13.24 -17.91
C ILE E 219 -29.97 13.18 -17.54
N PRO E 220 -29.03 12.95 -18.47
CA PRO E 220 -27.62 12.99 -18.12
C PRO E 220 -27.25 14.31 -17.44
N GLY E 221 -28.02 15.38 -17.63
CA GLY E 221 -27.73 16.71 -17.09
C GLY E 221 -28.53 17.03 -15.84
N VAL E 222 -29.67 16.36 -15.60
CA VAL E 222 -30.50 16.58 -14.38
C VAL E 222 -29.95 15.70 -13.26
N VAL E 223 -29.33 14.57 -13.57
CA VAL E 223 -28.70 13.65 -12.58
C VAL E 223 -27.31 14.21 -12.20
N MET E 224 -26.69 15.03 -13.02
CA MET E 224 -25.39 15.69 -12.72
C MET E 224 -25.66 16.98 -11.96
N ALA E 225 -26.91 17.46 -11.95
CA ALA E 225 -27.32 18.71 -11.26
C ALA E 225 -27.78 18.34 -9.86
N VAL E 226 -28.32 17.13 -9.69
CA VAL E 226 -28.80 16.65 -8.36
C VAL E 226 -27.64 15.94 -7.65
N ALA E 227 -26.76 15.27 -8.39
CA ALA E 227 -25.59 14.64 -7.76
C ALA E 227 -24.64 15.70 -7.18
N TYR E 228 -24.14 16.62 -8.01
CA TYR E 228 -23.25 17.68 -7.54
C TYR E 228 -23.96 18.71 -6.66
N GLY E 229 -25.28 18.85 -6.75
CA GLY E 229 -26.06 19.63 -5.80
C GLY E 229 -26.01 19.04 -4.39
N LEU E 230 -26.37 17.76 -4.23
CA LEU E 230 -26.31 17.05 -2.95
C LEU E 230 -24.90 16.98 -2.38
N ILE E 231 -23.88 16.72 -3.21
CA ILE E 231 -22.48 16.75 -2.75
C ILE E 231 -22.12 18.14 -2.22
N SER E 232 -22.47 19.21 -2.93
CA SER E 232 -22.18 20.58 -2.47
C SER E 232 -22.90 20.90 -1.16
N LEU E 233 -24.15 20.47 -1.01
CA LEU E 233 -24.95 20.68 0.20
C LEU E 233 -24.33 19.97 1.40
N GLU E 234 -24.08 18.67 1.32
CA GLU E 234 -23.49 17.90 2.42
C GLU E 234 -22.06 18.34 2.73
N LEU E 235 -21.27 18.71 1.71
CA LEU E 235 -19.91 19.23 1.90
C LEU E 235 -19.91 20.59 2.62
N TYR E 236 -20.82 21.50 2.25
CA TYR E 236 -20.94 22.80 2.91
C TYR E 236 -21.52 22.71 4.33
N GLN E 237 -22.48 21.81 4.56
CA GLN E 237 -22.98 21.47 5.90
C GLN E 237 -21.88 20.75 6.71
N LEU E 304 -12.90 26.37 5.70
CA LEU E 304 -14.02 26.45 4.77
C LEU E 304 -13.59 26.92 3.36
N MET E 305 -12.41 27.55 3.24
CA MET E 305 -11.87 28.04 1.97
C MET E 305 -11.63 26.92 0.95
N ALA E 306 -11.17 25.75 1.39
CA ALA E 306 -11.06 24.57 0.54
C ALA E 306 -12.44 24.06 0.09
N LYS E 307 -13.42 23.97 1.00
CA LYS E 307 -14.79 23.54 0.67
C LYS E 307 -15.43 24.45 -0.37
N LYS E 308 -15.27 25.78 -0.27
CA LYS E 308 -15.79 26.71 -1.28
C LYS E 308 -15.03 26.63 -2.62
N ARG E 309 -13.72 26.34 -2.62
CA ARG E 309 -12.97 26.01 -3.84
C ARG E 309 -13.48 24.73 -4.53
N VAL E 310 -13.89 23.71 -3.76
CA VAL E 310 -14.56 22.52 -4.32
C VAL E 310 -15.94 22.88 -4.88
N ILE E 311 -16.79 23.54 -4.10
CA ILE E 311 -18.18 23.81 -4.49
C ILE E 311 -18.28 24.64 -5.79
N ARG E 312 -17.39 25.61 -6.01
CA ARG E 312 -17.39 26.36 -7.28
C ARG E 312 -17.02 25.48 -8.48
N MET E 313 -16.14 24.48 -8.33
CA MET E 313 -15.90 23.50 -9.41
C MET E 313 -17.12 22.65 -9.72
N LEU E 314 -17.84 22.19 -8.70
CA LEU E 314 -19.07 21.42 -8.91
C LEU E 314 -20.14 22.23 -9.66
N ILE E 315 -20.26 23.53 -9.37
CA ILE E 315 -21.15 24.42 -10.11
C ILE E 315 -20.66 24.62 -11.55
N VAL E 316 -19.36 24.87 -11.77
CA VAL E 316 -18.78 25.02 -13.11
C VAL E 316 -19.00 23.79 -13.98
N ILE E 317 -18.90 22.57 -13.44
CA ILE E 317 -19.15 21.33 -14.19
C ILE E 317 -20.59 21.26 -14.71
N VAL E 318 -21.61 21.52 -13.88
CA VAL E 318 -23.01 21.46 -14.35
C VAL E 318 -23.35 22.60 -15.31
N VAL E 319 -22.70 23.76 -15.20
CA VAL E 319 -22.84 24.86 -16.18
C VAL E 319 -22.24 24.49 -17.53
N LEU E 320 -20.97 24.08 -17.59
CA LEU E 320 -20.30 23.76 -18.85
C LEU E 320 -20.97 22.62 -19.62
N PHE E 321 -21.53 21.62 -18.93
CA PHE E 321 -22.30 20.57 -19.61
C PHE E 321 -23.50 21.13 -20.38
N PHE E 322 -24.32 21.96 -19.75
CA PHE E 322 -25.54 22.54 -20.39
C PHE E 322 -25.16 23.55 -21.49
N LEU E 323 -24.08 24.31 -21.32
CA LEU E 323 -23.63 25.23 -22.36
C LEU E 323 -23.08 24.52 -23.61
N CYS E 324 -22.31 23.43 -23.48
CA CYS E 324 -21.79 22.71 -24.64
C CYS E 324 -22.90 21.97 -25.40
N TRP E 325 -23.80 21.29 -24.69
CA TRP E 325 -24.68 20.30 -25.31
C TRP E 325 -26.10 20.77 -25.60
N MET E 326 -26.68 21.62 -24.77
CA MET E 326 -28.06 22.11 -24.99
C MET E 326 -28.19 22.62 -26.43
N PRO E 327 -27.34 23.52 -26.98
CA PRO E 327 -27.47 24.08 -28.32
C PRO E 327 -27.58 23.00 -29.41
N ILE E 328 -26.62 22.08 -29.51
CA ILE E 328 -26.63 21.09 -30.59
C ILE E 328 -27.81 20.11 -30.47
N PHE E 329 -28.16 19.71 -29.27
CA PHE E 329 -29.27 18.73 -29.06
C PHE E 329 -30.63 19.40 -29.33
N SER E 330 -30.80 20.68 -29.01
CA SER E 330 -32.03 21.42 -29.35
C SER E 330 -32.13 21.73 -30.85
N ALA E 331 -31.00 22.08 -31.49
CA ALA E 331 -31.02 22.29 -32.95
C ALA E 331 -31.51 21.01 -33.65
N ASN E 332 -30.89 19.87 -33.35
CA ASN E 332 -31.25 18.60 -34.06
C ASN E 332 -32.75 18.34 -33.92
N ALA E 333 -33.32 18.69 -32.77
CA ALA E 333 -34.77 18.48 -32.57
C ALA E 333 -35.54 19.47 -33.43
N TRP E 334 -35.06 20.71 -33.55
CA TRP E 334 -35.72 21.71 -34.42
C TRP E 334 -35.76 21.20 -35.86
N ARG E 335 -34.63 20.70 -36.38
CA ARG E 335 -34.58 20.26 -37.80
C ARG E 335 -35.51 19.06 -37.98
N ALA E 336 -35.60 18.18 -37.00
CA ALA E 336 -36.40 16.94 -37.18
C ALA E 336 -37.89 17.31 -37.23
N TYR E 337 -38.24 18.54 -36.86
CA TYR E 337 -39.66 18.98 -36.96
C TYR E 337 -39.85 19.87 -38.20
N ASP E 338 -39.12 20.97 -38.32
CA ASP E 338 -39.20 21.82 -39.54
C ASP E 338 -37.83 21.88 -40.20
N THR E 339 -37.38 20.77 -40.79
CA THR E 339 -36.02 20.70 -41.41
C THR E 339 -35.78 21.95 -42.25
N ALA E 340 -36.81 22.46 -42.91
CA ALA E 340 -36.75 23.65 -43.74
C ALA E 340 -36.43 24.93 -42.96
N SER E 341 -37.17 25.23 -41.89
CA SER E 341 -36.93 26.45 -41.09
C SER E 341 -35.59 26.37 -40.36
N ALA E 342 -35.31 25.20 -39.78
CA ALA E 342 -34.03 25.01 -39.08
C ALA E 342 -32.88 25.27 -40.04
N GLU E 343 -32.96 24.72 -41.24
CA GLU E 343 -31.82 24.86 -42.20
C GLU E 343 -31.74 26.30 -42.70
N ARG E 344 -32.88 26.93 -43.01
CA ARG E 344 -32.90 28.32 -43.44
C ARG E 344 -32.28 29.26 -42.39
N ARG E 345 -32.49 28.97 -41.10
CA ARG E 345 -31.90 29.72 -39.98
C ARG E 345 -30.42 29.36 -39.74
N LEU E 346 -30.11 28.08 -39.51
CA LEU E 346 -28.85 27.64 -38.91
C LEU E 346 -27.81 27.08 -39.91
N SER E 347 -28.20 26.70 -41.11
CA SER E 347 -27.29 26.02 -42.05
C SER E 347 -26.15 26.95 -42.51
N GLY E 348 -24.98 26.37 -42.81
CA GLY E 348 -23.77 27.11 -43.18
C GLY E 348 -22.94 27.49 -41.96
N THR E 349 -22.61 28.76 -41.78
CA THR E 349 -21.74 29.21 -40.68
C THR E 349 -22.34 29.06 -39.27
N PRO E 350 -23.64 29.30 -38.98
CA PRO E 350 -24.13 29.31 -37.59
C PRO E 350 -24.00 27.96 -36.89
N ILE E 351 -24.48 26.88 -37.53
CA ILE E 351 -24.40 25.54 -36.95
C ILE E 351 -22.94 25.10 -36.69
N SER E 352 -21.97 25.57 -37.47
CA SER E 352 -20.57 25.25 -37.23
C SER E 352 -20.08 25.72 -35.85
N PHE E 353 -20.61 26.84 -35.34
CA PHE E 353 -20.24 27.34 -34.02
C PHE E 353 -20.98 26.60 -32.91
N ILE E 354 -22.25 26.23 -33.12
CA ILE E 354 -22.99 25.34 -32.21
C ILE E 354 -22.29 23.98 -32.07
N LEU E 355 -21.73 23.47 -33.17
CA LEU E 355 -20.92 22.25 -33.18
C LEU E 355 -19.57 22.45 -32.48
N LEU E 356 -18.86 23.56 -32.73
CA LEU E 356 -17.62 23.88 -32.02
C LEU E 356 -17.83 23.97 -30.50
N LEU E 357 -18.92 24.62 -30.09
CA LEU E 357 -19.33 24.72 -28.69
C LEU E 357 -19.56 23.34 -28.08
N SER E 358 -20.26 22.45 -28.77
CA SER E 358 -20.39 21.04 -28.39
C SER E 358 -19.04 20.34 -28.21
N TYR E 359 -18.16 20.39 -29.21
CA TYR E 359 -16.86 19.71 -29.15
C TYR E 359 -15.92 20.27 -28.08
N THR E 360 -16.14 21.52 -27.66
CA THR E 360 -15.32 22.16 -26.63
C THR E 360 -15.40 21.41 -25.29
N SER E 361 -16.45 20.62 -25.04
CA SER E 361 -16.50 19.65 -23.93
C SER E 361 -15.24 18.75 -23.88
N SER E 362 -14.83 18.15 -24.99
CA SER E 362 -13.62 17.32 -25.06
C SER E 362 -12.32 18.08 -24.90
N CYS E 363 -12.37 19.42 -24.98
CA CYS E 363 -11.25 20.28 -24.63
C CYS E 363 -11.21 20.54 -23.12
N VAL E 364 -12.35 20.89 -22.50
CA VAL E 364 -12.39 21.26 -21.07
C VAL E 364 -12.30 20.07 -20.11
N ASN E 365 -12.75 18.88 -20.48
CA ASN E 365 -12.79 17.74 -19.56
C ASN E 365 -11.42 17.39 -18.95
N PRO E 366 -10.31 17.26 -19.71
CA PRO E 366 -8.98 17.09 -19.13
C PRO E 366 -8.58 18.19 -18.14
N ILE E 367 -8.99 19.44 -18.38
CA ILE E 367 -8.63 20.57 -17.53
C ILE E 367 -9.27 20.39 -16.15
N ILE E 368 -10.61 20.33 -16.12
CA ILE E 368 -11.37 20.37 -14.88
C ILE E 368 -11.29 19.08 -14.06
N TYR E 369 -11.08 17.92 -14.71
CA TYR E 369 -10.96 16.65 -14.01
C TYR E 369 -9.52 16.24 -13.67
N CYS E 370 -8.50 16.63 -14.43
CA CYS E 370 -7.12 16.18 -14.22
C CYS E 370 -6.17 17.32 -13.85
N PHE E 371 -5.90 18.25 -14.76
CA PHE E 371 -4.84 19.24 -14.58
C PHE E 371 -5.04 20.16 -13.36
N MET E 372 -6.28 20.38 -12.92
CA MET E 372 -6.58 21.13 -11.70
C MET E 372 -6.28 20.40 -10.37
N ASN E 373 -5.83 19.14 -10.43
CA ASN E 373 -5.44 18.44 -9.17
C ASN E 373 -3.97 18.00 -9.26
N LYS E 374 -3.10 18.57 -8.42
CA LYS E 374 -1.65 18.27 -8.50
C LYS E 374 -1.38 16.78 -8.21
N ARG E 375 -2.20 16.12 -7.39
CA ARG E 375 -1.99 14.66 -7.20
C ARG E 375 -1.78 14.06 -8.59
N PHE E 376 -2.49 14.56 -9.60
CA PHE E 376 -2.24 14.13 -11.00
C PHE E 376 -1.14 15.00 -11.60
N ARG E 377 -1.09 16.29 -11.24
CA ARG E 377 -0.07 17.20 -11.83
C ARG E 377 1.32 16.66 -11.47
N LEU E 378 1.45 16.11 -10.26
CA LEU E 378 2.75 15.52 -9.84
C LEU E 378 2.90 14.20 -10.59
N GLY E 379 1.78 13.49 -10.79
CA GLY E 379 1.86 12.26 -11.61
C GLY E 379 2.44 12.64 -12.94
N PHE E 380 2.00 13.78 -13.49
CA PHE E 380 2.62 14.27 -14.72
C PHE E 380 4.13 14.46 -14.54
N MET E 381 4.56 15.16 -13.48
CA MET E 381 5.99 15.37 -13.21
C MET E 381 6.75 14.06 -12.97
N ALA E 382 6.10 13.03 -12.43
CA ALA E 382 6.64 11.68 -12.30
C ALA E 382 6.56 10.84 -13.60
N THR E 383 5.69 11.23 -14.54
CA THR E 383 5.49 10.39 -15.76
C THR E 383 6.60 10.64 -16.79
N PHE E 384 7.21 11.82 -16.79
CA PHE E 384 8.20 12.24 -17.79
C PHE E 384 9.56 12.58 -17.16
N PRO E 385 10.68 12.34 -17.86
CA PRO E 385 12.03 12.62 -17.34
C PRO E 385 12.26 14.11 -17.15
#